data_7NAA
#
_entry.id   7NAA
#
_cell.length_a   100.127
_cell.length_b   239.330
_cell.length_c   53.982
_cell.angle_alpha   90.00
_cell.angle_beta   90.00
_cell.angle_gamma   90.00
#
_symmetry.space_group_name_H-M   'P 21 21 2'
#
loop_
_entity.id
_entity.type
_entity.pdbx_description
1 polymer 'Non-specific serine/threonine protein kinase'
2 non-polymer (4-{[4-(1-benzothiophen-2-yl)pyrimidin-2-yl]amino}phenyl)[4-(pyrrolidin-1-yl)piperidin-1-yl]methanone
3 water water
#
_entity_poly.entity_id   1
_entity_poly.type   'polypeptide(L)'
_entity_poly.pdbx_seq_one_letter_code
;MPLAEGSTFAGFTIVRQLGSGGMGEVYLARHPRLPRQDALKVLRADVSADGEYRARFNREADAAASLWHPHIVAVHDRGE
FDGQLWIDMDFVDGTDTVSLLRDRYPNGMPGPEVTEIITAVAEALDYAHERRLLHRDVKPANILIANPDSPDRRIMLADF
GIAGWVDDPSGLTATNMTVGTVSYAAPEQLMGNELDGRADQYALAATAFHLLTGSPPFQHANPAVVISQHLSASPPAIGD
RVPELTPLDPVFAKALAKQPKDRYQRCVDFARALGHRL
;
_entity_poly.pdbx_strand_id   A,B,C,D
#
loop_
_chem_comp.id
_chem_comp.type
_chem_comp.name
_chem_comp.formula
V17 non-polymer (4-{[4-(1-benzothiophen-2-yl)pyrimidin-2-yl]amino}phenyl)[4-(pyrrolidin-1-yl)piperidin-1-yl]methanone 'C28 H29 N5 O S'
#
# COMPACT_ATOMS: atom_id res chain seq x y z
N LEU A 3 -29.24 -23.51 15.66
CA LEU A 3 -29.27 -24.79 16.46
C LEU A 3 -29.96 -25.88 15.62
N ALA A 4 -31.22 -25.66 15.23
CA ALA A 4 -32.02 -26.64 14.44
C ALA A 4 -31.26 -27.00 13.15
N GLU A 5 -30.96 -28.29 12.97
CA GLU A 5 -30.46 -28.89 11.68
C GLU A 5 -31.51 -28.67 10.58
N GLY A 6 -31.08 -28.22 9.39
CA GLY A 6 -31.98 -27.94 8.25
C GLY A 6 -32.55 -26.53 8.30
N SER A 7 -32.32 -25.80 9.42
CA SER A 7 -32.65 -24.37 9.61
C SER A 7 -31.79 -23.48 8.70
N THR A 8 -32.27 -22.27 8.39
CA THR A 8 -31.51 -21.23 7.66
C THR A 8 -31.05 -20.16 8.65
N PHE A 9 -29.75 -19.82 8.62
CA PHE A 9 -29.12 -18.78 9.46
C PHE A 9 -28.18 -17.94 8.59
N ALA A 10 -28.53 -16.65 8.42
CA ALA A 10 -27.80 -15.68 7.57
C ALA A 10 -27.61 -16.29 6.19
N GLY A 11 -28.65 -16.97 5.67
CA GLY A 11 -28.65 -17.59 4.33
C GLY A 11 -28.05 -18.97 4.34
N PHE A 12 -27.17 -19.28 5.29
CA PHE A 12 -26.54 -20.62 5.44
C PHE A 12 -27.61 -21.63 5.84
N THR A 13 -27.60 -22.84 5.27
CA THR A 13 -28.42 -23.99 5.71
C THR A 13 -27.61 -24.82 6.71
N ILE A 14 -28.11 -24.95 7.94
CA ILE A 14 -27.42 -25.69 9.04
C ILE A 14 -27.54 -27.19 8.71
N VAL A 15 -26.43 -27.93 8.83
CA VAL A 15 -26.35 -29.38 8.48
C VAL A 15 -26.19 -30.19 9.77
N ARG A 16 -25.20 -29.85 10.61
CA ARG A 16 -25.00 -30.45 11.96
C ARG A 16 -24.20 -29.48 12.83
N GLN A 17 -24.21 -29.65 14.16
CA GLN A 17 -23.24 -28.98 15.08
C GLN A 17 -21.91 -29.75 15.03
N LEU A 18 -20.80 -29.03 14.87
CA LEU A 18 -19.42 -29.61 14.79
C LEU A 18 -18.72 -29.49 16.13
N GLY A 19 -19.05 -28.49 16.93
CA GLY A 19 -18.32 -28.20 18.18
C GLY A 19 -18.86 -26.98 18.90
N SER A 20 -18.17 -26.57 19.97
CA SER A 20 -18.58 -25.50 20.93
C SER A 20 -17.35 -24.99 21.70
N GLY A 24 -20.05 -19.60 21.74
CA GLY A 24 -19.51 -20.00 20.43
C GLY A 24 -19.81 -21.45 20.08
N GLU A 25 -21.01 -21.72 19.52
CA GLU A 25 -21.40 -23.01 18.87
C GLU A 25 -21.03 -22.95 17.38
N VAL A 26 -20.44 -24.03 16.83
CA VAL A 26 -19.89 -24.10 15.45
C VAL A 26 -20.64 -25.17 14.66
N TYR A 27 -21.31 -24.76 13.57
CA TYR A 27 -22.14 -25.65 12.70
C TYR A 27 -21.47 -25.85 11.35
N LEU A 28 -21.54 -27.06 10.80
CA LEU A 28 -21.34 -27.36 9.36
C LEU A 28 -22.58 -26.82 8.63
N ALA A 29 -22.39 -25.94 7.65
CA ALA A 29 -23.49 -25.20 6.99
C ALA A 29 -23.24 -25.09 5.49
N ARG A 30 -24.28 -25.27 4.67
CA ARG A 30 -24.24 -25.02 3.20
C ARG A 30 -24.30 -23.50 3.00
N HIS A 31 -23.33 -22.95 2.25
CA HIS A 31 -23.18 -21.49 1.96
C HIS A 31 -24.40 -21.03 1.17
N PRO A 32 -24.94 -19.81 1.44
CA PRO A 32 -26.11 -19.33 0.70
C PRO A 32 -25.96 -19.22 -0.83
N ARG A 33 -24.78 -18.92 -1.35
CA ARG A 33 -24.57 -18.56 -2.79
C ARG A 33 -23.62 -19.54 -3.48
N LEU A 34 -22.54 -19.96 -2.82
CA LEU A 34 -21.57 -20.95 -3.38
C LEU A 34 -22.05 -22.36 -3.04
N PRO A 35 -21.93 -23.34 -3.96
CA PRO A 35 -22.24 -24.73 -3.65
C PRO A 35 -21.06 -25.42 -2.96
N ARG A 36 -20.89 -25.14 -1.67
CA ARG A 36 -19.91 -25.81 -0.79
C ARG A 36 -20.39 -25.72 0.66
N GLN A 37 -19.77 -26.49 1.55
CA GLN A 37 -20.05 -26.52 3.00
C GLN A 37 -18.99 -25.67 3.72
N ASP A 38 -19.44 -24.82 4.64
CA ASP A 38 -18.60 -23.97 5.51
C ASP A 38 -18.85 -24.31 6.98
N ALA A 39 -17.91 -23.92 7.84
CA ALA A 39 -18.02 -23.93 9.31
C ALA A 39 -18.54 -22.56 9.74
N LEU A 40 -19.74 -22.50 10.32
CA LEU A 40 -20.37 -21.25 10.82
C LEU A 40 -20.31 -21.25 12.35
N LYS A 41 -19.56 -20.32 12.95
CA LYS A 41 -19.51 -20.10 14.41
C LYS A 41 -20.48 -18.99 14.82
N VAL A 42 -21.41 -19.29 15.74
CA VAL A 42 -22.52 -18.37 16.15
C VAL A 42 -22.43 -18.05 17.64
N LEU A 43 -22.73 -16.80 18.02
CA LEU A 43 -22.83 -16.31 19.43
C LEU A 43 -24.30 -16.02 19.77
N ARG A 44 -24.67 -16.08 21.05
CA ARG A 44 -26.08 -15.96 21.55
C ARG A 44 -26.36 -14.55 22.09
N ALA A 45 -25.59 -14.13 23.11
CA ALA A 45 -25.70 -12.83 23.82
C ALA A 45 -24.31 -12.20 23.98
N ALA A 55 -18.81 -7.25 25.10
CA ALA A 55 -18.47 -8.61 24.60
C ALA A 55 -18.43 -8.62 23.07
N ARG A 56 -19.32 -7.86 22.40
CA ARG A 56 -19.39 -7.78 20.91
C ARG A 56 -18.02 -7.34 20.38
N PHE A 57 -17.38 -6.34 21.01
CA PHE A 57 -16.04 -5.83 20.63
C PHE A 57 -15.02 -6.99 20.68
N ASN A 58 -14.99 -7.74 21.79
CA ASN A 58 -14.11 -8.93 21.96
C ASN A 58 -14.32 -9.90 20.78
N ARG A 59 -15.55 -10.39 20.57
CA ARG A 59 -15.94 -11.28 19.44
C ARG A 59 -15.44 -10.72 18.11
N GLU A 60 -15.28 -9.39 18.01
CA GLU A 60 -14.60 -8.66 16.89
C GLU A 60 -13.09 -8.63 17.15
N ALA A 61 -12.48 -9.78 17.48
CA ALA A 61 -11.04 -10.09 17.31
C ALA A 61 -10.80 -10.46 15.85
N ASP A 62 -10.74 -9.45 14.98
CA ASP A 62 -10.52 -9.55 13.51
C ASP A 62 -9.04 -9.90 13.21
N ALA A 63 -8.43 -10.70 14.07
CA ALA A 63 -7.09 -11.29 13.90
C ALA A 63 -7.14 -12.38 12.80
N ALA A 64 -8.19 -13.22 12.88
CA ALA A 64 -8.34 -14.46 12.08
C ALA A 64 -8.31 -14.15 10.59
N ALA A 65 -8.92 -13.02 10.17
CA ALA A 65 -8.94 -12.51 8.77
C ALA A 65 -7.55 -11.98 8.39
N SER A 66 -6.80 -11.48 9.37
CA SER A 66 -5.39 -10.99 9.23
C SER A 66 -4.45 -12.15 8.87
N LEU A 67 -4.76 -13.38 9.31
CA LEU A 67 -3.85 -14.55 9.18
C LEU A 67 -4.14 -15.31 7.89
N TRP A 68 -3.10 -15.60 7.13
CA TRP A 68 -3.14 -16.36 5.86
C TRP A 68 -1.96 -17.33 5.86
N HIS A 69 -2.24 -18.57 6.29
CA HIS A 69 -1.24 -19.65 6.51
C HIS A 69 -1.86 -20.97 6.03
N PRO A 70 -1.05 -21.87 5.43
CA PRO A 70 -1.60 -23.13 4.91
C PRO A 70 -2.13 -24.10 5.99
N HIS A 71 -1.80 -23.87 7.26
CA HIS A 71 -2.21 -24.71 8.42
C HIS A 71 -3.17 -23.96 9.37
N ILE A 72 -3.65 -22.77 8.98
CA ILE A 72 -4.65 -21.98 9.76
C ILE A 72 -5.92 -21.90 8.91
N VAL A 73 -7.04 -22.30 9.49
CA VAL A 73 -8.39 -22.28 8.84
C VAL A 73 -8.70 -20.85 8.44
N ALA A 74 -9.17 -20.64 7.21
CA ALA A 74 -9.47 -19.30 6.62
C ALA A 74 -10.85 -18.81 7.05
N VAL A 75 -10.98 -17.53 7.39
CA VAL A 75 -12.27 -16.83 7.59
C VAL A 75 -12.65 -16.14 6.27
N HIS A 76 -13.87 -16.36 5.81
CA HIS A 76 -14.43 -15.73 4.58
C HIS A 76 -15.09 -14.40 4.95
N ASP A 77 -15.90 -14.37 6.02
CA ASP A 77 -16.77 -13.21 6.36
C ASP A 77 -17.24 -13.31 7.83
N ARG A 78 -17.63 -12.16 8.39
CA ARG A 78 -18.23 -11.98 9.73
C ARG A 78 -19.53 -11.19 9.56
N GLY A 79 -20.45 -11.23 10.53
CA GLY A 79 -21.70 -10.45 10.47
C GLY A 79 -22.58 -10.63 11.69
N GLU A 80 -23.76 -9.99 11.67
CA GLU A 80 -24.80 -10.09 12.73
C GLU A 80 -26.15 -10.43 12.07
N PHE A 81 -26.75 -11.55 12.48
CA PHE A 81 -28.08 -12.04 12.03
C PHE A 81 -28.99 -12.15 13.26
N ASP A 82 -30.03 -11.30 13.33
CA ASP A 82 -31.02 -11.25 14.45
C ASP A 82 -30.27 -11.27 15.79
N GLY A 83 -29.36 -10.32 15.98
CA GLY A 83 -28.66 -10.07 17.27
C GLY A 83 -27.59 -11.10 17.59
N GLN A 84 -27.40 -12.12 16.75
CA GLN A 84 -26.38 -13.20 16.95
C GLN A 84 -25.20 -12.95 15.99
N LEU A 85 -23.98 -12.77 16.52
CA LEU A 85 -22.74 -12.59 15.72
C LEU A 85 -22.29 -13.94 15.14
N TRP A 86 -21.94 -13.96 13.85
CA TRP A 86 -21.51 -15.19 13.12
C TRP A 86 -20.18 -14.96 12.40
N ILE A 87 -19.39 -16.03 12.27
CA ILE A 87 -18.13 -16.09 11.49
C ILE A 87 -18.25 -17.27 10.51
N ASP A 88 -18.22 -16.98 9.20
CA ASP A 88 -18.17 -17.97 8.10
C ASP A 88 -16.69 -18.29 7.86
N MET A 89 -16.30 -19.57 7.99
CA MET A 89 -14.90 -20.01 7.80
C MET A 89 -14.87 -21.33 7.03
N ASP A 90 -13.71 -21.69 6.50
CA ASP A 90 -13.45 -22.99 5.81
C ASP A 90 -13.97 -24.14 6.69
N PHE A 91 -14.60 -25.14 6.07
CA PHE A 91 -14.93 -26.43 6.71
C PHE A 91 -13.84 -27.42 6.31
N VAL A 92 -13.12 -27.96 7.31
CA VAL A 92 -12.07 -28.99 7.10
C VAL A 92 -12.76 -30.36 7.10
N ASP A 93 -13.00 -30.91 5.92
CA ASP A 93 -13.67 -32.20 5.68
C ASP A 93 -12.69 -33.33 5.99
N GLY A 94 -12.77 -33.82 7.23
CA GLY A 94 -11.96 -34.94 7.76
C GLY A 94 -12.37 -35.23 9.20
N THR A 95 -11.40 -35.27 10.11
CA THR A 95 -11.60 -35.54 11.56
C THR A 95 -10.87 -34.48 12.39
N ASP A 96 -11.35 -34.22 13.60
CA ASP A 96 -10.54 -33.58 14.68
C ASP A 96 -9.76 -34.68 15.38
N THR A 97 -8.74 -34.31 16.16
CA THR A 97 -7.85 -35.28 16.83
C THR A 97 -8.59 -35.97 17.98
N VAL A 98 -9.64 -35.35 18.52
CA VAL A 98 -10.53 -35.91 19.60
C VAL A 98 -11.10 -37.25 19.11
N SER A 99 -11.75 -37.23 17.94
CA SER A 99 -12.41 -38.39 17.29
C SER A 99 -11.39 -39.45 16.92
N LEU A 100 -10.18 -39.01 16.55
CA LEU A 100 -9.07 -39.94 16.23
C LEU A 100 -8.67 -40.70 17.50
N LEU A 101 -8.68 -40.02 18.65
CA LEU A 101 -8.36 -40.63 19.97
C LEU A 101 -9.48 -41.57 20.41
N ARG A 102 -10.73 -41.10 20.41
CA ARG A 102 -11.90 -41.89 20.85
C ARG A 102 -11.98 -43.18 20.02
N ASP A 103 -11.96 -43.08 18.68
CA ASP A 103 -12.42 -44.18 17.78
C ASP A 103 -11.27 -45.01 17.24
N ARG A 104 -10.02 -44.51 17.24
CA ARG A 104 -8.89 -45.25 16.58
C ARG A 104 -7.77 -45.59 17.58
N TYR A 105 -7.35 -44.64 18.42
CA TYR A 105 -6.14 -44.73 19.27
C TYR A 105 -6.50 -44.32 20.70
N PRO A 106 -7.32 -45.09 21.44
CA PRO A 106 -7.80 -44.66 22.76
C PRO A 106 -6.68 -44.50 23.78
N ASN A 107 -5.59 -45.26 23.61
CA ASN A 107 -4.42 -45.28 24.54
C ASN A 107 -3.29 -44.41 24.02
N GLY A 108 -3.52 -43.71 22.91
CA GLY A 108 -2.58 -42.72 22.36
C GLY A 108 -2.24 -43.01 20.90
N MET A 109 -1.91 -41.97 20.14
CA MET A 109 -1.58 -42.05 18.69
C MET A 109 -0.12 -42.46 18.55
N PRO A 110 0.28 -43.05 17.40
CA PRO A 110 1.68 -43.32 17.11
C PRO A 110 2.54 -42.04 17.14
N GLY A 111 3.74 -42.13 17.72
CA GLY A 111 4.72 -41.04 17.87
C GLY A 111 4.90 -40.22 16.60
N PRO A 112 5.28 -40.86 15.47
CA PRO A 112 5.49 -40.12 14.20
C PRO A 112 4.27 -39.29 13.76
N GLU A 113 3.04 -39.78 13.96
CA GLU A 113 1.81 -39.05 13.57
C GLU A 113 1.63 -37.82 14.47
N VAL A 114 2.00 -37.92 15.75
CA VAL A 114 1.87 -36.79 16.72
C VAL A 114 2.89 -35.70 16.36
N THR A 115 4.14 -36.06 16.06
CA THR A 115 5.21 -35.11 15.63
C THR A 115 4.75 -34.36 14.36
N GLU A 116 4.15 -35.07 13.41
CA GLU A 116 3.56 -34.47 12.18
C GLU A 116 2.55 -33.38 12.60
N ILE A 117 1.57 -33.74 13.42
CA ILE A 117 0.44 -32.83 13.81
C ILE A 117 0.98 -31.65 14.61
N ILE A 118 1.83 -31.92 15.62
CA ILE A 118 2.31 -30.86 16.55
C ILE A 118 3.23 -29.89 15.77
N THR A 119 4.11 -30.39 14.91
CA THR A 119 4.98 -29.56 14.03
C THR A 119 4.10 -28.62 13.19
N ALA A 120 3.07 -29.15 12.53
CA ALA A 120 2.18 -28.35 11.64
C ALA A 120 1.53 -27.23 12.45
N VAL A 121 1.01 -27.56 13.63
CA VAL A 121 0.30 -26.59 14.53
C VAL A 121 1.33 -25.61 15.11
N ALA A 122 2.52 -26.09 15.45
CA ALA A 122 3.63 -25.29 16.02
C ALA A 122 3.96 -24.15 15.04
N GLU A 123 4.03 -24.49 13.75
CA GLU A 123 4.34 -23.55 12.67
C GLU A 123 3.24 -22.48 12.59
N ALA A 124 1.98 -22.90 12.49
CA ALA A 124 0.80 -22.01 12.47
C ALA A 124 0.87 -21.03 13.65
N LEU A 125 1.18 -21.53 14.85
CA LEU A 125 1.17 -20.72 16.10
C LEU A 125 2.35 -19.74 16.07
N ASP A 126 3.55 -20.23 15.72
CA ASP A 126 4.80 -19.42 15.63
C ASP A 126 4.59 -18.29 14.61
N TYR A 127 3.96 -18.59 13.49
CA TYR A 127 3.61 -17.60 12.44
C TYR A 127 2.73 -16.53 13.07
N ALA A 128 1.64 -16.93 13.74
CA ALA A 128 0.66 -16.00 14.35
C ALA A 128 1.37 -15.17 15.43
N HIS A 129 2.28 -15.77 16.19
CA HIS A 129 3.00 -15.10 17.31
C HIS A 129 3.89 -13.99 16.75
N GLU A 130 4.64 -14.26 15.68
CA GLU A 130 5.53 -13.29 14.99
C GLU A 130 4.73 -12.05 14.57
N ARG A 131 3.42 -12.19 14.34
CA ARG A 131 2.48 -11.09 13.96
C ARG A 131 1.68 -10.62 15.18
N ARG A 132 2.18 -10.88 16.40
CA ARG A 132 1.61 -10.41 17.69
C ARG A 132 0.15 -10.89 17.86
N LEU A 133 -0.17 -12.12 17.45
CA LEU A 133 -1.53 -12.74 17.59
C LEU A 133 -1.46 -14.10 18.29
N LEU A 134 -2.27 -14.30 19.33
CA LEU A 134 -2.33 -15.55 20.15
C LEU A 134 -3.61 -16.32 19.81
N HIS A 135 -3.55 -17.64 19.79
CA HIS A 135 -4.73 -18.52 19.60
C HIS A 135 -5.62 -18.44 20.84
N ARG A 136 -5.04 -18.75 22.00
CA ARG A 136 -5.65 -18.64 23.35
C ARG A 136 -6.48 -19.88 23.71
N ASP A 137 -6.71 -20.84 22.81
CA ASP A 137 -7.55 -22.04 23.09
C ASP A 137 -7.06 -23.25 22.26
N VAL A 138 -5.74 -23.51 22.20
CA VAL A 138 -5.21 -24.73 21.52
C VAL A 138 -5.70 -25.97 22.27
N LYS A 139 -6.35 -26.90 21.57
CA LYS A 139 -6.88 -28.15 22.16
C LYS A 139 -7.17 -29.15 21.04
N PRO A 140 -7.19 -30.46 21.34
CA PRO A 140 -7.42 -31.49 20.32
C PRO A 140 -8.60 -31.22 19.37
N ALA A 141 -9.65 -30.55 19.85
CA ALA A 141 -10.90 -30.32 19.08
C ALA A 141 -10.69 -29.22 18.04
N ASN A 142 -9.67 -28.37 18.23
CA ASN A 142 -9.28 -27.27 17.29
C ASN A 142 -8.21 -27.75 16.31
N ILE A 143 -7.72 -28.99 16.41
CA ILE A 143 -6.71 -29.55 15.48
C ILE A 143 -7.44 -30.51 14.54
N LEU A 144 -7.69 -30.06 13.31
CA LEU A 144 -8.46 -30.77 12.27
C LEU A 144 -7.47 -31.35 11.26
N ILE A 145 -7.82 -32.47 10.63
CA ILE A 145 -7.01 -33.15 9.57
C ILE A 145 -7.97 -33.52 8.43
N ALA A 146 -7.89 -32.83 7.30
CA ALA A 146 -8.70 -33.14 6.09
C ALA A 146 -8.05 -34.33 5.38
N ASN A 147 -8.87 -35.22 4.84
CA ASN A 147 -8.40 -36.41 4.05
C ASN A 147 -7.27 -37.10 4.81
N PRO A 148 -7.51 -37.55 6.07
CA PRO A 148 -6.45 -38.09 6.92
C PRO A 148 -5.68 -39.26 6.29
N ASP A 149 -6.38 -40.10 5.51
CA ASP A 149 -5.87 -41.40 4.98
C ASP A 149 -5.42 -41.25 3.52
N SER A 150 -5.52 -40.04 2.96
CA SER A 150 -5.22 -39.70 1.54
C SER A 150 -3.86 -39.03 1.44
N PRO A 151 -3.27 -38.96 0.22
CA PRO A 151 -2.13 -38.09 -0.04
C PRO A 151 -2.42 -36.59 0.16
N ASP A 152 -3.69 -36.18 0.03
CA ASP A 152 -4.17 -34.78 0.18
C ASP A 152 -4.21 -34.36 1.67
N ARG A 153 -3.69 -35.22 2.57
CA ARG A 153 -3.70 -35.04 4.05
C ARG A 153 -3.23 -33.64 4.40
N ARG A 154 -3.97 -32.95 5.27
CA ARG A 154 -3.74 -31.52 5.61
C ARG A 154 -4.15 -31.29 7.08
N ILE A 155 -3.19 -30.93 7.93
CA ILE A 155 -3.41 -30.56 9.35
C ILE A 155 -3.72 -29.06 9.43
N MET A 156 -4.83 -28.72 10.09
CA MET A 156 -5.32 -27.33 10.21
C MET A 156 -5.56 -26.99 11.68
N LEU A 157 -5.23 -25.76 12.09
CA LEU A 157 -5.57 -25.19 13.40
C LEU A 157 -6.74 -24.24 13.21
N ALA A 158 -7.84 -24.45 13.95
CA ALA A 158 -9.09 -23.69 13.81
C ALA A 158 -9.35 -22.82 15.04
N ASP A 159 -10.25 -21.86 14.89
CA ASP A 159 -10.86 -21.05 15.98
C ASP A 159 -9.83 -20.07 16.56
N PHE A 160 -8.97 -19.50 15.71
CA PHE A 160 -8.15 -18.31 16.06
C PHE A 160 -9.05 -17.11 16.42
N THR A 181 -13.47 -25.29 29.01
CA THR A 181 -12.54 -26.44 29.25
C THR A 181 -11.14 -25.93 29.66
N VAL A 182 -10.62 -26.50 30.74
CA VAL A 182 -9.45 -26.00 31.51
C VAL A 182 -8.30 -27.01 31.39
N SER A 183 -8.50 -28.08 30.62
CA SER A 183 -7.58 -29.24 30.53
C SER A 183 -6.21 -28.81 29.96
N TYR A 184 -6.18 -27.82 29.08
CA TYR A 184 -4.97 -27.44 28.29
C TYR A 184 -4.53 -26.00 28.59
N ALA A 185 -5.34 -25.22 29.32
CA ALA A 185 -5.06 -23.79 29.63
C ALA A 185 -3.83 -23.67 30.54
N ALA A 186 -2.97 -22.71 30.20
CA ALA A 186 -1.72 -22.40 30.91
C ALA A 186 -2.07 -21.65 32.19
N PRO A 187 -1.27 -21.79 33.26
CA PRO A 187 -1.59 -21.17 34.55
C PRO A 187 -1.79 -19.66 34.43
N GLU A 188 -0.89 -18.97 33.71
CA GLU A 188 -0.94 -17.50 33.53
C GLU A 188 -2.26 -17.10 32.87
N GLN A 189 -2.77 -17.94 31.97
CA GLN A 189 -4.03 -17.69 31.22
C GLN A 189 -5.22 -17.90 32.17
N LEU A 190 -5.19 -18.97 32.97
CA LEU A 190 -6.24 -19.24 33.99
C LEU A 190 -6.30 -18.05 34.96
N MET A 191 -5.15 -17.50 35.35
CA MET A 191 -5.08 -16.37 36.32
C MET A 191 -5.50 -15.04 35.68
N GLY A 192 -5.62 -14.98 34.36
CA GLY A 192 -5.96 -13.75 33.63
C GLY A 192 -4.81 -12.75 33.64
N ASN A 193 -3.57 -13.22 33.66
CA ASN A 193 -2.33 -12.41 33.58
C ASN A 193 -1.98 -12.10 32.13
N GLU A 194 -0.95 -11.28 31.91
CA GLU A 194 -0.43 -10.88 30.58
C GLU A 194 0.04 -12.14 29.85
N LEU A 195 -0.41 -12.32 28.61
CA LEU A 195 -0.10 -13.53 27.80
C LEU A 195 1.00 -13.23 26.78
N ASP A 196 1.68 -14.27 26.34
CA ASP A 196 2.61 -14.27 25.19
C ASP A 196 2.45 -15.63 24.51
N GLY A 197 3.26 -15.89 23.48
CA GLY A 197 3.18 -17.13 22.67
C GLY A 197 3.33 -18.37 23.54
N ARG A 198 4.06 -18.27 24.65
CA ARG A 198 4.40 -19.45 25.49
C ARG A 198 3.13 -20.00 26.17
N ALA A 199 2.03 -19.23 26.23
CA ALA A 199 0.73 -19.71 26.72
C ALA A 199 0.19 -20.78 25.76
N ASP A 200 0.17 -20.48 24.46
CA ASP A 200 -0.26 -21.41 23.38
C ASP A 200 0.66 -22.63 23.36
N GLN A 201 1.95 -22.43 23.68
CA GLN A 201 2.93 -23.54 23.72
C GLN A 201 2.48 -24.58 24.75
N TYR A 202 2.20 -24.11 25.98
CA TYR A 202 1.67 -24.91 27.10
C TYR A 202 0.49 -25.73 26.59
N ALA A 203 -0.49 -25.06 26.00
CA ALA A 203 -1.72 -25.69 25.48
C ALA A 203 -1.34 -26.78 24.47
N LEU A 204 -0.44 -26.47 23.54
CA LEU A 204 0.02 -27.40 22.47
C LEU A 204 0.69 -28.62 23.12
N ALA A 205 1.49 -28.40 24.17
CA ALA A 205 2.19 -29.47 24.91
C ALA A 205 1.17 -30.36 25.63
N ALA A 206 0.22 -29.73 26.31
CA ALA A 206 -0.91 -30.42 27.00
C ALA A 206 -1.69 -31.23 25.96
N THR A 207 -1.95 -30.63 24.80
CA THR A 207 -2.61 -31.30 23.65
C THR A 207 -1.78 -32.52 23.23
N ALA A 208 -0.46 -32.35 23.06
CA ALA A 208 0.44 -33.43 22.60
C ALA A 208 0.44 -34.58 23.62
N PHE A 209 0.50 -34.25 24.90
CA PHE A 209 0.43 -35.22 26.03
C PHE A 209 -0.82 -36.09 25.83
N HIS A 210 -1.98 -35.44 25.65
CA HIS A 210 -3.29 -36.12 25.43
C HIS A 210 -3.16 -37.04 24.21
N LEU A 211 -2.70 -36.52 23.07
CA LEU A 211 -2.58 -37.28 21.80
C LEU A 211 -1.70 -38.52 21.99
N LEU A 212 -0.62 -38.42 22.77
CA LEU A 212 0.37 -39.52 22.96
C LEU A 212 -0.14 -40.60 23.93
N THR A 213 -0.82 -40.23 25.02
CA THR A 213 -1.15 -41.13 26.17
C THR A 213 -2.61 -41.59 26.16
N GLY A 214 -3.56 -40.76 25.73
CA GLY A 214 -4.99 -41.07 25.82
C GLY A 214 -5.72 -40.12 26.74
N SER A 215 -4.97 -39.38 27.58
CA SER A 215 -5.53 -38.48 28.63
C SER A 215 -4.64 -37.24 28.77
N PRO A 216 -5.21 -36.10 29.20
CA PRO A 216 -4.43 -34.89 29.44
C PRO A 216 -3.52 -35.02 30.65
N PRO A 217 -2.52 -34.11 30.81
CA PRO A 217 -1.54 -34.22 31.89
C PRO A 217 -2.17 -34.26 33.28
N PHE A 218 -3.26 -33.51 33.48
CA PHE A 218 -4.02 -33.44 34.75
C PHE A 218 -5.47 -33.86 34.49
N GLN A 219 -5.85 -35.04 34.96
CA GLN A 219 -7.21 -35.58 34.70
C GLN A 219 -7.94 -35.72 36.04
N HIS A 220 -9.15 -35.16 36.09
CA HIS A 220 -10.04 -35.18 37.27
C HIS A 220 -11.43 -34.74 36.80
N ALA A 221 -12.48 -35.32 37.37
CA ALA A 221 -13.89 -34.97 37.06
C ALA A 221 -14.13 -33.51 37.44
N ASN A 222 -13.50 -33.04 38.53
CA ASN A 222 -13.67 -31.67 39.08
C ASN A 222 -12.74 -30.71 38.35
N PRO A 223 -13.28 -29.78 37.53
CA PRO A 223 -12.47 -28.76 36.85
C PRO A 223 -11.58 -27.98 37.82
N ALA A 224 -12.08 -27.68 39.03
CA ALA A 224 -11.37 -26.90 40.06
C ALA A 224 -10.06 -27.60 40.40
N VAL A 225 -10.05 -28.93 40.38
CA VAL A 225 -8.84 -29.74 40.72
C VAL A 225 -7.84 -29.59 39.57
N VAL A 226 -8.29 -29.79 38.33
CA VAL A 226 -7.47 -29.60 37.10
C VAL A 226 -6.84 -28.20 37.17
N ILE A 227 -7.65 -27.15 37.41
CA ILE A 227 -7.16 -25.75 37.50
C ILE A 227 -6.05 -25.67 38.55
N SER A 228 -6.24 -26.28 39.71
CA SER A 228 -5.29 -26.19 40.85
C SER A 228 -3.95 -26.83 40.46
N GLN A 229 -4.01 -27.88 39.65
CA GLN A 229 -2.80 -28.65 39.26
C GLN A 229 -2.02 -27.84 38.22
N HIS A 230 -2.73 -27.22 37.27
CA HIS A 230 -2.15 -26.24 36.32
C HIS A 230 -1.35 -25.19 37.09
N LEU A 231 -1.92 -24.65 38.18
CA LEU A 231 -1.34 -23.53 38.97
C LEU A 231 -0.19 -24.01 39.86
N SER A 232 -0.32 -25.18 40.52
CA SER A 232 0.53 -25.56 41.69
C SER A 232 1.27 -26.90 41.48
N ALA A 233 0.67 -27.86 40.78
CA ALA A 233 1.19 -29.25 40.68
C ALA A 233 2.37 -29.31 39.69
N SER A 234 3.46 -29.97 40.08
CA SER A 234 4.57 -30.37 39.19
C SER A 234 4.00 -31.04 37.94
N PRO A 235 4.46 -30.70 36.72
CA PRO A 235 3.99 -31.38 35.50
C PRO A 235 4.35 -32.86 35.57
N PRO A 236 3.42 -33.77 35.21
CA PRO A 236 3.62 -35.19 35.40
C PRO A 236 4.62 -35.74 34.39
N ALA A 237 5.28 -36.85 34.74
CA ALA A 237 6.12 -37.63 33.81
C ALA A 237 5.22 -38.39 32.84
N ILE A 238 5.38 -38.15 31.54
CA ILE A 238 4.62 -38.84 30.45
C ILE A 238 5.00 -40.33 30.50
N GLY A 239 6.23 -40.64 30.95
CA GLY A 239 6.72 -42.01 31.18
C GLY A 239 5.87 -42.78 32.19
N ASP A 240 5.29 -42.09 33.18
CA ASP A 240 4.43 -42.69 34.24
C ASP A 240 3.07 -43.13 33.65
N ARG A 241 2.71 -42.72 32.43
CA ARG A 241 1.47 -43.18 31.73
C ARG A 241 1.81 -44.22 30.67
N VAL A 242 2.87 -43.95 29.89
CA VAL A 242 3.35 -44.80 28.76
C VAL A 242 4.85 -44.97 28.91
N PRO A 243 5.31 -46.10 29.50
CA PRO A 243 6.73 -46.34 29.74
C PRO A 243 7.65 -46.07 28.54
N GLU A 244 7.23 -46.46 27.33
CA GLU A 244 8.00 -46.28 26.06
C GLU A 244 8.35 -44.80 25.86
N LEU A 245 7.57 -43.86 26.44
CA LEU A 245 7.68 -42.39 26.20
C LEU A 245 8.53 -41.71 27.28
N THR A 246 9.23 -42.45 28.14
CA THR A 246 10.03 -41.88 29.27
C THR A 246 11.01 -40.83 28.76
N PRO A 247 11.72 -41.04 27.63
CA PRO A 247 12.67 -40.04 27.13
C PRO A 247 12.12 -38.61 26.94
N LEU A 248 10.81 -38.49 26.70
CA LEU A 248 10.12 -37.18 26.50
C LEU A 248 9.86 -36.48 27.84
N ASP A 249 10.19 -37.10 28.98
CA ASP A 249 9.84 -36.57 30.32
C ASP A 249 10.33 -35.12 30.44
N PRO A 250 11.62 -34.81 30.15
CA PRO A 250 12.14 -33.46 30.35
C PRO A 250 11.52 -32.46 29.36
N VAL A 251 11.10 -32.94 28.18
CA VAL A 251 10.45 -32.14 27.10
C VAL A 251 9.12 -31.59 27.65
N PHE A 252 8.26 -32.45 28.20
CA PHE A 252 6.95 -32.03 28.76
C PHE A 252 7.16 -31.29 30.09
N ALA A 253 8.15 -31.68 30.88
CA ALA A 253 8.56 -30.94 32.11
C ALA A 253 8.81 -29.48 31.75
N LYS A 254 9.49 -29.24 30.62
CA LYS A 254 9.90 -27.90 30.14
C LYS A 254 8.71 -27.14 29.55
N ALA A 255 8.01 -27.73 28.58
CA ALA A 255 6.92 -27.06 27.85
C ALA A 255 5.73 -26.81 28.79
N LEU A 256 5.53 -27.66 29.80
CA LEU A 256 4.42 -27.54 30.79
C LEU A 256 4.90 -26.81 32.05
N ALA A 257 6.06 -26.17 32.01
CA ALA A 257 6.62 -25.36 33.13
C ALA A 257 5.57 -24.36 33.59
N LYS A 258 5.60 -24.01 34.87
CA LYS A 258 4.67 -23.04 35.51
C LYS A 258 4.99 -21.63 35.03
N GLN A 259 6.26 -21.24 35.10
CA GLN A 259 6.77 -19.92 34.65
C GLN A 259 7.00 -19.97 33.13
N PRO A 260 6.30 -19.15 32.31
CA PRO A 260 6.56 -19.09 30.87
C PRO A 260 8.04 -19.00 30.46
N LYS A 261 8.85 -18.25 31.21
CA LYS A 261 10.29 -18.04 30.92
C LYS A 261 11.05 -19.37 30.89
N ASP A 262 10.53 -20.43 31.51
CA ASP A 262 11.24 -21.74 31.65
C ASP A 262 10.80 -22.71 30.55
N ARG A 263 9.89 -22.30 29.67
CA ARG A 263 9.43 -23.12 28.52
C ARG A 263 10.37 -22.94 27.34
N TYR A 264 10.04 -23.52 26.19
CA TYR A 264 10.79 -23.31 24.92
C TYR A 264 10.53 -21.89 24.41
N GLN A 265 11.42 -21.37 23.56
CA GLN A 265 11.29 -20.00 23.01
C GLN A 265 10.19 -19.97 21.94
N ARG A 266 10.12 -21.00 21.09
CA ARG A 266 9.11 -21.15 20.02
C ARG A 266 8.43 -22.52 20.14
N CYS A 267 7.22 -22.64 19.61
CA CYS A 267 6.41 -23.88 19.57
C CYS A 267 7.12 -24.95 18.73
N VAL A 268 7.82 -24.57 17.65
CA VAL A 268 8.54 -25.55 16.79
C VAL A 268 9.74 -26.13 17.54
N ASP A 269 10.31 -25.38 18.49
CA ASP A 269 11.41 -25.90 19.35
C ASP A 269 10.86 -27.10 20.13
N PHE A 270 9.66 -26.95 20.71
CA PHE A 270 8.96 -28.03 21.45
C PHE A 270 8.68 -29.19 20.47
N ALA A 271 8.08 -28.88 19.32
CA ALA A 271 7.74 -29.87 18.27
C ALA A 271 9.00 -30.65 17.86
N ARG A 272 10.14 -29.98 17.75
CA ARG A 272 11.43 -30.59 17.34
C ARG A 272 11.95 -31.50 18.46
N ALA A 273 11.85 -31.07 19.72
CA ALA A 273 12.27 -31.85 20.91
C ALA A 273 11.46 -33.15 20.97
N LEU A 274 10.16 -33.10 20.64
CA LEU A 274 9.29 -34.30 20.46
C LEU A 274 9.91 -35.20 19.39
N GLY A 275 10.02 -34.68 18.16
CA GLY A 275 10.55 -35.40 16.99
C GLY A 275 11.84 -36.15 17.31
N HIS A 276 12.80 -35.47 17.95
CA HIS A 276 14.16 -35.98 18.27
C HIS A 276 14.05 -37.34 18.99
N ARG A 277 13.07 -37.49 19.88
CA ARG A 277 12.93 -38.68 20.77
C ARG A 277 11.86 -39.64 20.23
N LEU A 278 10.99 -39.22 19.30
CA LEU A 278 10.07 -40.13 18.57
C LEU A 278 10.72 -40.61 17.27
N LEU B 3 -11.84 0.97 -14.18
CA LEU B 3 -12.67 2.22 -14.16
C LEU B 3 -13.24 2.43 -12.74
N ALA B 4 -12.34 2.51 -11.74
CA ALA B 4 -12.73 2.74 -10.34
C ALA B 4 -11.48 2.86 -9.44
N GLU B 5 -11.31 3.93 -8.66
CA GLU B 5 -10.19 4.05 -7.67
C GLU B 5 -10.71 4.87 -6.47
N GLY B 6 -10.47 4.44 -5.22
CA GLY B 6 -11.02 5.12 -4.05
C GLY B 6 -12.52 4.95 -4.06
N SER B 7 -13.05 4.20 -5.00
CA SER B 7 -14.50 3.95 -5.19
C SER B 7 -15.00 2.87 -4.23
N THR B 8 -16.31 2.86 -3.92
CA THR B 8 -16.99 1.79 -3.14
C THR B 8 -17.79 0.89 -4.09
N PHE B 9 -17.59 -0.42 -4.01
CA PHE B 9 -18.28 -1.44 -4.84
C PHE B 9 -18.67 -2.63 -3.96
N ALA B 10 -19.97 -2.83 -3.76
CA ALA B 10 -20.56 -3.88 -2.91
C ALA B 10 -19.89 -3.82 -1.53
N GLY B 11 -19.68 -2.62 -1.01
CA GLY B 11 -19.07 -2.39 0.32
C GLY B 11 -17.55 -2.37 0.28
N PHE B 12 -16.96 -3.02 -0.71
CA PHE B 12 -15.48 -3.06 -0.91
C PHE B 12 -15.01 -1.66 -1.31
N THR B 13 -13.88 -1.19 -0.75
CA THR B 13 -13.16 0.02 -1.19
C THR B 13 -12.08 -0.38 -2.18
N ILE B 14 -12.14 0.17 -3.41
CA ILE B 14 -11.16 -0.11 -4.49
C ILE B 14 -9.83 0.58 -4.12
N VAL B 15 -8.72 -0.14 -4.25
CA VAL B 15 -7.35 0.30 -3.87
C VAL B 15 -6.50 0.43 -5.14
N ARG B 16 -6.51 -0.59 -6.00
CA ARG B 16 -5.69 -0.68 -7.23
C ARG B 16 -6.42 -1.53 -8.27
N GLN B 17 -6.10 -1.39 -9.55
CA GLN B 17 -6.46 -2.41 -10.59
C GLN B 17 -5.35 -3.48 -10.58
N LEU B 18 -5.74 -4.76 -10.62
CA LEU B 18 -4.80 -5.92 -10.62
C LEU B 18 -4.73 -6.57 -12.00
N GLY B 19 -5.79 -6.50 -12.82
CA GLY B 19 -5.82 -7.19 -14.12
C GLY B 19 -7.12 -7.05 -14.89
N SER B 20 -7.20 -7.78 -16.02
CA SER B 20 -8.36 -7.82 -16.96
C SER B 20 -8.53 -9.25 -17.52
N GLY B 24 -14.13 -8.86 -17.51
CA GLY B 24 -13.54 -9.35 -16.25
C GLY B 24 -12.35 -8.51 -15.80
N GLU B 25 -12.61 -7.36 -15.15
CA GLU B 25 -11.61 -6.48 -14.49
C GLU B 25 -11.46 -6.92 -13.02
N VAL B 26 -10.23 -6.98 -12.52
CA VAL B 26 -9.87 -7.47 -11.15
C VAL B 26 -9.23 -6.32 -10.35
N TYR B 27 -9.82 -5.95 -9.21
CA TYR B 27 -9.33 -4.86 -8.32
C TYR B 27 -8.82 -5.44 -7.00
N LEU B 28 -7.72 -4.89 -6.48
CA LEU B 28 -7.34 -4.99 -5.04
C LEU B 28 -8.30 -4.12 -4.26
N ALA B 29 -9.03 -4.69 -3.30
CA ALA B 29 -10.15 -4.01 -2.59
C ALA B 29 -10.14 -4.33 -1.10
N ARG B 30 -10.36 -3.32 -0.26
CA ARG B 30 -10.52 -3.46 1.21
C ARG B 30 -11.93 -4.01 1.46
N HIS B 31 -12.03 -5.10 2.22
CA HIS B 31 -13.29 -5.84 2.52
C HIS B 31 -14.19 -4.94 3.35
N PRO B 32 -15.52 -4.95 3.10
CA PRO B 32 -16.45 -4.10 3.85
C PRO B 32 -16.50 -4.32 5.38
N ARG B 33 -16.26 -5.54 5.85
CA ARG B 33 -16.42 -5.90 7.29
C ARG B 33 -15.08 -6.30 7.92
N LEU B 34 -14.25 -7.10 7.24
CA LEU B 34 -12.96 -7.59 7.79
C LEU B 34 -11.86 -6.60 7.44
N PRO B 35 -10.89 -6.36 8.35
CA PRO B 35 -9.77 -5.46 8.07
C PRO B 35 -8.66 -6.17 7.29
N ARG B 36 -8.87 -6.40 6.00
CA ARG B 36 -7.89 -7.02 5.09
C ARG B 36 -8.22 -6.62 3.65
N GLN B 37 -7.27 -6.87 2.74
CA GLN B 37 -7.42 -6.57 1.29
C GLN B 37 -7.73 -7.89 0.57
N ASP B 38 -8.70 -7.84 -0.35
CA ASP B 38 -9.13 -8.98 -1.21
C ASP B 38 -8.96 -8.59 -2.68
N ALA B 39 -8.96 -9.59 -3.57
CA ALA B 39 -9.04 -9.45 -5.03
C ALA B 39 -10.52 -9.55 -5.44
N LEU B 40 -11.08 -8.47 -5.98
CA LEU B 40 -12.48 -8.39 -6.43
C LEU B 40 -12.52 -8.39 -7.97
N LYS B 41 -13.06 -9.46 -8.56
CA LYS B 41 -13.26 -9.58 -10.04
C LYS B 41 -14.69 -9.13 -10.34
N VAL B 42 -14.86 -8.25 -11.33
CA VAL B 42 -16.15 -7.57 -11.67
C VAL B 42 -16.46 -7.77 -13.16
N LEU B 43 -17.73 -8.02 -13.50
CA LEU B 43 -18.26 -8.12 -14.89
C LEU B 43 -19.15 -6.90 -15.18
N ARG B 44 -19.31 -6.51 -16.46
CA ARG B 44 -20.08 -5.30 -16.88
C ARG B 44 -21.46 -5.72 -17.44
N ALA B 45 -21.47 -6.55 -18.48
CA ALA B 45 -22.69 -7.07 -19.17
C ALA B 45 -23.19 -8.34 -18.46
N GLU B 60 -20.29 -18.12 -14.30
CA GLU B 60 -20.76 -18.94 -13.14
C GLU B 60 -19.71 -19.99 -12.78
N ALA B 61 -18.52 -19.55 -12.40
CA ALA B 61 -17.44 -20.47 -12.02
C ALA B 61 -17.52 -20.89 -10.58
N ASP B 62 -18.47 -21.77 -10.25
CA ASP B 62 -18.62 -22.27 -8.88
C ASP B 62 -17.49 -23.23 -8.54
N ALA B 63 -16.93 -23.89 -9.55
CA ALA B 63 -15.78 -24.77 -9.36
C ALA B 63 -14.65 -24.22 -8.50
N ALA B 64 -14.37 -22.94 -8.65
CA ALA B 64 -13.32 -22.26 -7.84
C ALA B 64 -13.59 -22.42 -6.32
N ALA B 65 -14.87 -22.29 -5.91
CA ALA B 65 -15.34 -22.47 -4.52
C ALA B 65 -15.28 -23.95 -4.12
N SER B 66 -15.43 -24.85 -5.09
CA SER B 66 -15.30 -26.33 -4.94
C SER B 66 -13.88 -26.72 -4.52
N LEU B 67 -12.86 -25.93 -4.88
CA LEU B 67 -11.43 -26.30 -4.69
C LEU B 67 -10.92 -25.73 -3.37
N TRP B 68 -10.24 -26.56 -2.56
CA TRP B 68 -9.59 -26.17 -1.28
C TRP B 68 -8.17 -26.74 -1.29
N HIS B 69 -7.19 -25.92 -1.68
CA HIS B 69 -5.78 -26.32 -1.86
C HIS B 69 -4.89 -25.18 -1.41
N PRO B 70 -3.73 -25.46 -0.76
CA PRO B 70 -2.85 -24.41 -0.27
C PRO B 70 -2.18 -23.57 -1.38
N HIS B 71 -2.23 -24.05 -2.63
CA HIS B 71 -1.60 -23.40 -3.81
C HIS B 71 -2.66 -22.94 -4.83
N ILE B 72 -3.95 -22.98 -4.49
CA ILE B 72 -5.06 -22.44 -5.33
C ILE B 72 -5.68 -21.26 -4.57
N VAL B 73 -5.81 -20.11 -5.21
CA VAL B 73 -6.42 -18.87 -4.64
C VAL B 73 -7.87 -19.19 -4.25
N ALA B 74 -8.25 -18.86 -3.02
CA ALA B 74 -9.56 -19.19 -2.41
C ALA B 74 -10.61 -18.15 -2.79
N VAL B 75 -11.84 -18.57 -3.08
CA VAL B 75 -13.02 -17.68 -3.24
C VAL B 75 -13.75 -17.59 -1.91
N HIS B 76 -14.05 -16.37 -1.46
CA HIS B 76 -14.82 -16.10 -0.21
C HIS B 76 -16.31 -16.04 -0.53
N ASP B 77 -16.71 -15.35 -1.60
CA ASP B 77 -18.14 -15.04 -1.89
C ASP B 77 -18.31 -14.57 -3.35
N ARG B 78 -19.53 -14.65 -3.88
CA ARG B 78 -19.97 -14.14 -5.21
C ARG B 78 -21.21 -13.28 -4.98
N GLY B 79 -21.59 -12.43 -5.92
CA GLY B 79 -22.81 -11.59 -5.81
C GLY B 79 -23.06 -10.71 -7.01
N GLU B 80 -24.11 -9.90 -6.94
CA GLU B 80 -24.51 -8.91 -7.98
C GLU B 80 -24.72 -7.54 -7.31
N PHE B 81 -23.96 -6.54 -7.75
CA PHE B 81 -24.07 -5.12 -7.31
C PHE B 81 -24.36 -4.24 -8.53
N ASP B 82 -25.56 -3.62 -8.57
CA ASP B 82 -26.03 -2.74 -9.68
C ASP B 82 -25.76 -3.42 -11.02
N GLY B 83 -26.27 -4.65 -11.19
CA GLY B 83 -26.26 -5.40 -12.46
C GLY B 83 -24.90 -5.97 -12.83
N GLN B 84 -23.86 -5.72 -12.02
CA GLN B 84 -22.47 -6.20 -12.26
C GLN B 84 -22.16 -7.37 -11.32
N LEU B 85 -21.84 -8.55 -11.88
CA LEU B 85 -21.48 -9.77 -11.12
C LEU B 85 -20.05 -9.63 -10.59
N TRP B 86 -19.83 -9.97 -9.30
CA TRP B 86 -18.52 -9.84 -8.61
C TRP B 86 -18.15 -11.15 -7.90
N ILE B 87 -16.84 -11.43 -7.83
CA ILE B 87 -16.24 -12.57 -7.08
C ILE B 87 -15.19 -11.99 -6.12
N ASP B 88 -15.41 -12.16 -4.81
CA ASP B 88 -14.45 -11.82 -3.72
C ASP B 88 -13.54 -13.03 -3.53
N MET B 89 -12.23 -12.86 -3.67
CA MET B 89 -11.23 -13.96 -3.51
C MET B 89 -10.00 -13.44 -2.78
N ASP B 90 -9.16 -14.35 -2.27
CA ASP B 90 -7.88 -14.04 -1.62
C ASP B 90 -7.07 -13.09 -2.49
N PHE B 91 -6.40 -12.11 -1.89
CA PHE B 91 -5.38 -11.26 -2.55
C PHE B 91 -4.01 -11.83 -2.21
N VAL B 92 -3.24 -12.22 -3.22
CA VAL B 92 -1.83 -12.69 -3.06
C VAL B 92 -0.91 -11.46 -3.11
N ASP B 93 -0.47 -10.99 -1.94
CA ASP B 93 0.40 -9.80 -1.80
C ASP B 93 1.83 -10.18 -2.14
N GLY B 94 2.19 -10.02 -3.41
CA GLY B 94 3.53 -10.22 -3.99
C GLY B 94 3.49 -9.85 -5.47
N THR B 95 4.04 -10.71 -6.33
CA THR B 95 4.10 -10.51 -7.80
C THR B 95 3.60 -11.75 -8.54
N ASP B 96 3.14 -11.56 -9.77
CA ASP B 96 3.00 -12.66 -10.77
C ASP B 96 4.38 -12.94 -11.38
N THR B 97 4.54 -14.08 -12.03
CA THR B 97 5.85 -14.54 -12.57
C THR B 97 6.25 -13.68 -13.77
N VAL B 98 5.26 -13.08 -14.46
CA VAL B 98 5.48 -12.14 -15.61
C VAL B 98 6.41 -11.01 -15.15
N SER B 99 5.98 -10.31 -14.09
CA SER B 99 6.67 -9.14 -13.50
C SER B 99 8.04 -9.56 -12.93
N LEU B 100 8.10 -10.76 -12.36
CA LEU B 100 9.34 -11.24 -11.79
C LEU B 100 10.26 -11.55 -12.94
N LEU B 101 9.74 -12.01 -14.06
CA LEU B 101 10.55 -12.23 -15.29
C LEU B 101 11.05 -10.94 -15.92
N ARG B 102 10.24 -9.89 -15.96
CA ARG B 102 10.63 -8.66 -16.65
C ARG B 102 11.51 -7.75 -15.80
N ASP B 103 11.28 -7.69 -14.50
CA ASP B 103 12.01 -6.76 -13.58
C ASP B 103 13.27 -7.38 -12.97
N ARG B 104 13.32 -8.70 -12.83
CA ARG B 104 14.53 -9.51 -12.54
C ARG B 104 14.50 -10.61 -13.61
N TYR B 105 15.60 -11.30 -13.89
CA TYR B 105 15.60 -12.52 -14.74
C TYR B 105 14.91 -12.31 -16.10
N PRO B 106 15.27 -11.27 -16.90
CA PRO B 106 14.73 -11.13 -18.25
C PRO B 106 15.14 -12.26 -19.20
N ASN B 107 16.26 -12.91 -18.94
CA ASN B 107 16.74 -13.97 -19.81
C ASN B 107 16.34 -15.32 -19.27
N GLY B 108 15.84 -15.34 -18.05
CA GLY B 108 15.37 -16.58 -17.47
C GLY B 108 15.60 -16.78 -16.00
N MET B 109 14.70 -17.52 -15.37
CA MET B 109 14.80 -17.71 -13.94
C MET B 109 15.76 -18.84 -13.53
N PRO B 110 16.35 -18.79 -12.30
CA PRO B 110 17.19 -19.93 -11.94
C PRO B 110 16.39 -21.24 -11.89
N GLY B 111 17.00 -22.33 -12.38
CA GLY B 111 16.41 -23.68 -12.47
C GLY B 111 15.71 -24.09 -11.17
N PRO B 112 16.40 -24.09 -10.00
CA PRO B 112 15.76 -24.49 -8.75
C PRO B 112 14.49 -23.71 -8.41
N GLU B 113 14.43 -22.40 -8.70
CA GLU B 113 13.23 -21.57 -8.41
C GLU B 113 12.08 -21.99 -9.33
N VAL B 114 12.38 -22.38 -10.57
CA VAL B 114 11.35 -22.80 -11.57
C VAL B 114 10.77 -24.15 -11.13
N THR B 115 11.59 -25.11 -10.71
CA THR B 115 11.14 -26.44 -10.20
C THR B 115 10.21 -26.23 -8.99
N GLU B 116 10.57 -25.32 -8.09
CA GLU B 116 9.73 -24.95 -6.91
C GLU B 116 8.35 -24.51 -7.43
N ILE B 117 8.30 -23.53 -8.32
CA ILE B 117 7.03 -22.91 -8.80
C ILE B 117 6.21 -23.96 -9.58
N ILE B 118 6.84 -24.68 -10.50
CA ILE B 118 6.13 -25.64 -11.40
C ILE B 118 5.59 -26.80 -10.57
N THR B 119 6.36 -27.33 -9.62
CA THR B 119 5.91 -28.38 -8.67
C THR B 119 4.65 -27.90 -7.94
N ALA B 120 4.69 -26.70 -7.36
CA ALA B 120 3.56 -26.12 -6.59
C ALA B 120 2.30 -26.06 -7.46
N VAL B 121 2.44 -25.56 -8.69
CA VAL B 121 1.31 -25.40 -9.65
C VAL B 121 0.87 -26.78 -10.17
N ALA B 122 1.81 -27.70 -10.37
CA ALA B 122 1.56 -29.08 -10.83
C ALA B 122 0.62 -29.77 -9.83
N GLU B 123 0.89 -29.58 -8.55
CA GLU B 123 0.11 -30.17 -7.43
C GLU B 123 -1.31 -29.59 -7.48
N ALA B 124 -1.44 -28.27 -7.51
CA ALA B 124 -2.74 -27.57 -7.60
C ALA B 124 -3.56 -28.14 -8.76
N LEU B 125 -2.92 -28.33 -9.92
CA LEU B 125 -3.62 -28.76 -11.16
C LEU B 125 -4.02 -30.23 -11.01
N ASP B 126 -3.11 -31.09 -10.55
CA ASP B 126 -3.35 -32.54 -10.35
C ASP B 126 -4.53 -32.72 -9.39
N TYR B 127 -4.55 -31.93 -8.30
CA TYR B 127 -5.66 -31.90 -7.32
C TYR B 127 -6.98 -31.59 -8.04
N ALA B 128 -7.00 -30.50 -8.82
CA ALA B 128 -8.22 -30.02 -9.53
C ALA B 128 -8.67 -31.08 -10.53
N HIS B 129 -7.71 -31.75 -11.19
CA HIS B 129 -8.00 -32.77 -12.23
C HIS B 129 -8.70 -33.97 -11.59
N GLU B 130 -8.21 -34.45 -10.44
CA GLU B 130 -8.80 -35.59 -9.68
C GLU B 130 -10.27 -35.30 -9.37
N ARG B 131 -10.66 -34.02 -9.27
CA ARG B 131 -12.05 -33.55 -9.01
C ARG B 131 -12.74 -33.11 -10.30
N ARG B 132 -12.26 -33.58 -11.46
CA ARG B 132 -12.90 -33.37 -12.80
C ARG B 132 -13.01 -31.87 -13.11
N LEU B 133 -12.01 -31.05 -12.75
CA LEU B 133 -11.96 -29.60 -13.05
C LEU B 133 -10.62 -29.27 -13.75
N LEU B 134 -10.71 -28.62 -14.91
CA LEU B 134 -9.54 -28.12 -15.68
C LEU B 134 -9.43 -26.62 -15.47
N HIS B 135 -8.20 -26.11 -15.33
CA HIS B 135 -7.92 -24.65 -15.25
C HIS B 135 -8.24 -24.00 -16.59
N ARG B 136 -7.61 -24.49 -17.66
CA ARG B 136 -7.86 -24.12 -19.09
C ARG B 136 -7.10 -22.86 -19.51
N ASP B 137 -6.42 -22.17 -18.58
CA ASP B 137 -5.67 -20.92 -18.89
C ASP B 137 -4.44 -20.78 -17.99
N VAL B 138 -3.65 -21.85 -17.81
CA VAL B 138 -2.36 -21.81 -17.06
C VAL B 138 -1.41 -20.92 -17.86
N LYS B 139 -0.85 -19.90 -17.21
CA LYS B 139 0.10 -18.95 -17.84
C LYS B 139 0.82 -18.17 -16.75
N PRO B 140 2.02 -17.62 -17.05
CA PRO B 140 2.81 -16.90 -16.04
C PRO B 140 2.02 -15.87 -15.23
N ALA B 141 1.01 -15.22 -15.83
CA ALA B 141 0.25 -14.11 -15.19
C ALA B 141 -0.72 -14.67 -14.14
N ASN B 142 -1.07 -15.95 -14.22
CA ASN B 142 -1.96 -16.66 -13.26
C ASN B 142 -1.14 -17.36 -12.18
N ILE B 143 0.19 -17.30 -12.21
CA ILE B 143 1.07 -17.88 -11.16
C ILE B 143 1.58 -16.71 -10.31
N LEU B 144 1.02 -16.55 -9.12
CA LEU B 144 1.34 -15.47 -8.14
C LEU B 144 2.26 -16.05 -7.06
N ILE B 145 3.14 -15.22 -6.51
CA ILE B 145 4.08 -15.57 -5.41
C ILE B 145 4.03 -14.45 -4.36
N ALA B 146 3.44 -14.72 -3.20
CA ALA B 146 3.39 -13.78 -2.06
C ALA B 146 4.75 -13.81 -1.37
N ASN B 147 5.23 -12.66 -0.91
CA ASN B 147 6.47 -12.53 -0.12
C ASN B 147 7.58 -13.36 -0.76
N PRO B 148 7.95 -13.09 -2.03
CA PRO B 148 8.90 -13.92 -2.76
C PRO B 148 10.27 -14.08 -2.06
N ASP B 149 10.74 -13.03 -1.37
CA ASP B 149 12.10 -12.96 -0.77
C ASP B 149 12.06 -13.24 0.74
N SER B 150 10.88 -13.58 1.28
CA SER B 150 10.64 -13.91 2.72
C SER B 150 10.59 -15.42 2.92
N PRO B 151 10.74 -15.90 4.17
CA PRO B 151 10.42 -17.29 4.52
C PRO B 151 8.94 -17.66 4.31
N ASP B 152 8.03 -16.66 4.40
CA ASP B 152 6.56 -16.85 4.28
C ASP B 152 6.17 -17.01 2.80
N ARG B 153 7.16 -17.15 1.90
CA ARG B 153 7.02 -17.33 0.43
C ARG B 153 5.92 -18.36 0.15
N ARG B 154 4.99 -18.03 -0.76
CA ARG B 154 3.80 -18.85 -1.08
C ARG B 154 3.44 -18.72 -2.57
N ILE B 155 3.51 -19.83 -3.30
CA ILE B 155 3.22 -19.94 -4.75
C ILE B 155 1.73 -20.27 -4.91
N MET B 156 0.97 -19.46 -5.66
CA MET B 156 -0.51 -19.61 -5.81
C MET B 156 -0.90 -19.63 -7.30
N LEU B 157 -1.88 -20.47 -7.67
CA LEU B 157 -2.48 -20.50 -9.02
C LEU B 157 -3.85 -19.82 -8.95
N ALA B 158 -4.10 -18.81 -9.78
CA ALA B 158 -5.33 -18.00 -9.79
C ALA B 158 -6.13 -18.21 -11.08
N ASP B 159 -7.37 -17.72 -11.10
CA ASP B 159 -8.23 -17.51 -12.30
C ASP B 159 -8.71 -18.87 -12.84
N PHE B 160 -9.05 -19.80 -11.96
CA PHE B 160 -9.80 -21.03 -12.32
C PHE B 160 -11.19 -20.67 -12.87
N THR B 178 -11.16 -12.42 -28.60
CA THR B 178 -11.02 -13.86 -28.96
C THR B 178 -9.55 -14.29 -28.94
N VAL B 179 -8.64 -13.41 -29.38
CA VAL B 179 -7.18 -13.67 -29.39
C VAL B 179 -6.53 -13.52 -28.01
N GLY B 180 -6.77 -14.44 -27.05
CA GLY B 180 -6.20 -14.28 -25.72
C GLY B 180 -4.78 -14.74 -25.75
N THR B 181 -4.31 -15.27 -24.64
CA THR B 181 -2.97 -15.80 -24.61
C THR B 181 -2.89 -17.14 -25.26
N VAL B 182 -2.81 -17.14 -26.59
CA VAL B 182 -2.68 -18.43 -27.32
C VAL B 182 -1.25 -18.94 -27.15
N SER B 183 -0.40 -18.21 -26.43
CA SER B 183 1.04 -18.56 -26.25
C SER B 183 1.21 -19.92 -25.56
N TYR B 184 0.29 -20.30 -24.66
CA TYR B 184 0.44 -21.49 -23.79
C TYR B 184 -0.65 -22.55 -24.06
N ALA B 185 -1.67 -22.23 -24.84
CA ALA B 185 -2.83 -23.12 -25.11
C ALA B 185 -2.39 -24.37 -25.87
N ALA B 186 -2.89 -25.53 -25.45
CA ALA B 186 -2.61 -26.85 -26.07
C ALA B 186 -3.40 -26.95 -27.37
N PRO B 187 -2.86 -27.66 -28.37
CA PRO B 187 -3.50 -27.75 -29.68
C PRO B 187 -4.95 -28.26 -29.60
N GLU B 188 -5.19 -29.32 -28.81
CA GLU B 188 -6.53 -29.94 -28.68
C GLU B 188 -7.52 -28.90 -28.13
N GLN B 189 -7.05 -27.98 -27.27
CA GLN B 189 -7.90 -26.94 -26.66
C GLN B 189 -8.19 -25.86 -27.72
N LEU B 190 -7.18 -25.45 -28.48
CA LEU B 190 -7.35 -24.51 -29.63
C LEU B 190 -8.38 -25.09 -30.61
N MET B 191 -8.31 -26.40 -30.90
CA MET B 191 -9.22 -27.10 -31.87
C MET B 191 -10.63 -27.27 -31.28
N GLY B 192 -10.83 -27.06 -29.97
CA GLY B 192 -12.12 -27.24 -29.30
C GLY B 192 -12.52 -28.71 -29.20
N ASN B 193 -11.53 -29.60 -29.05
CA ASN B 193 -11.72 -31.07 -28.85
C ASN B 193 -11.97 -31.37 -27.38
N GLU B 194 -12.31 -32.63 -27.06
CA GLU B 194 -12.52 -33.12 -25.67
C GLU B 194 -11.19 -32.99 -24.92
N LEU B 195 -11.23 -32.37 -23.73
CA LEU B 195 -10.03 -32.05 -22.93
C LEU B 195 -9.87 -33.06 -21.78
N ASP B 196 -8.65 -33.16 -21.27
CA ASP B 196 -8.32 -33.82 -19.99
C ASP B 196 -7.21 -32.99 -19.33
N GLY B 197 -6.69 -33.45 -18.20
CA GLY B 197 -5.66 -32.74 -17.42
C GLY B 197 -4.42 -32.44 -18.25
N ARG B 198 -4.12 -33.26 -19.24
CA ARG B 198 -2.88 -33.12 -20.05
C ARG B 198 -2.91 -31.82 -20.88
N ALA B 199 -4.07 -31.20 -21.07
CA ALA B 199 -4.17 -29.85 -21.70
C ALA B 199 -3.50 -28.80 -20.80
N ASP B 200 -3.82 -28.79 -19.51
CA ASP B 200 -3.20 -27.89 -18.50
C ASP B 200 -1.71 -28.21 -18.38
N GLN B 201 -1.31 -29.48 -18.56
CA GLN B 201 0.11 -29.90 -18.50
C GLN B 201 0.89 -29.14 -19.57
N TYR B 202 0.40 -29.20 -20.81
CA TYR B 202 0.95 -28.48 -21.99
C TYR B 202 1.17 -27.00 -21.60
N ALA B 203 0.11 -26.36 -21.12
CA ALA B 203 0.13 -24.94 -20.71
C ALA B 203 1.23 -24.73 -19.66
N LEU B 204 1.30 -25.60 -18.66
CA LEU B 204 2.29 -25.52 -17.55
C LEU B 204 3.70 -25.67 -18.11
N ALA B 205 3.89 -26.57 -19.08
CA ALA B 205 5.20 -26.81 -19.73
C ALA B 205 5.61 -25.57 -20.54
N ALA B 206 4.67 -25.02 -21.32
CA ALA B 206 4.84 -23.77 -22.08
C ALA B 206 5.20 -22.64 -21.11
N THR B 207 4.50 -22.58 -19.98
CA THR B 207 4.78 -21.60 -18.90
C THR B 207 6.23 -21.81 -18.40
N ALA B 208 6.62 -23.05 -18.11
CA ALA B 208 7.95 -23.36 -17.56
C ALA B 208 9.03 -22.96 -18.56
N PHE B 209 8.82 -23.25 -19.85
CA PHE B 209 9.71 -22.87 -20.96
C PHE B 209 9.97 -21.36 -20.88
N HIS B 210 8.89 -20.57 -20.80
CA HIS B 210 8.93 -19.09 -20.68
C HIS B 210 9.77 -18.71 -19.46
N LEU B 211 9.47 -19.28 -18.30
CA LEU B 211 10.15 -18.93 -17.02
C LEU B 211 11.65 -19.22 -17.14
N LEU B 212 12.04 -20.31 -17.78
CA LEU B 212 13.46 -20.69 -17.86
C LEU B 212 14.22 -19.90 -18.91
N THR B 213 13.57 -19.59 -20.02
CA THR B 213 14.20 -18.74 -21.03
C THR B 213 13.55 -17.40 -20.74
N GLY B 214 13.51 -16.50 -21.69
CA GLY B 214 12.78 -15.26 -21.45
C GLY B 214 11.65 -15.16 -22.43
N SER B 215 11.20 -16.29 -22.95
CA SER B 215 10.17 -16.27 -24.03
C SER B 215 9.46 -17.62 -24.10
N PRO B 216 8.18 -17.65 -24.55
CA PRO B 216 7.46 -18.90 -24.74
C PRO B 216 8.03 -19.73 -25.89
N PRO B 217 7.65 -21.03 -25.99
CA PRO B 217 8.20 -21.92 -27.00
C PRO B 217 8.00 -21.40 -28.44
N PHE B 218 6.85 -20.77 -28.70
CA PHE B 218 6.45 -20.19 -30.00
C PHE B 218 6.13 -18.71 -29.81
N GLN B 219 6.98 -17.82 -30.31
CA GLN B 219 6.81 -16.36 -30.18
C GLN B 219 6.61 -15.75 -31.56
N HIS B 220 5.55 -14.97 -31.72
CA HIS B 220 5.21 -14.26 -32.98
C HIS B 220 4.14 -13.21 -32.67
N ALA B 221 4.23 -12.05 -33.31
CA ALA B 221 3.27 -10.93 -33.12
C ALA B 221 1.88 -11.38 -33.57
N ASN B 222 1.80 -12.22 -34.61
CA ASN B 222 0.54 -12.74 -35.21
C ASN B 222 0.05 -13.95 -34.42
N PRO B 223 -1.06 -13.83 -33.66
CA PRO B 223 -1.63 -14.96 -32.92
C PRO B 223 -1.87 -16.18 -33.80
N ALA B 224 -2.31 -15.95 -35.05
CA ALA B 224 -2.64 -17.01 -36.02
C ALA B 224 -1.40 -17.89 -36.25
N VAL B 225 -0.21 -17.28 -36.24
CA VAL B 225 1.07 -18.00 -36.46
C VAL B 225 1.34 -18.88 -35.24
N VAL B 226 1.27 -18.30 -34.03
CA VAL B 226 1.44 -19.01 -32.74
C VAL B 226 0.47 -20.21 -32.73
N ILE B 227 -0.81 -19.99 -33.04
CA ILE B 227 -1.82 -21.09 -33.09
C ILE B 227 -1.35 -22.19 -34.03
N SER B 228 -0.85 -21.83 -35.21
CA SER B 228 -0.44 -22.80 -36.27
C SER B 228 0.74 -23.62 -35.78
N GLN B 229 1.62 -23.03 -34.98
CA GLN B 229 2.85 -23.71 -34.47
C GLN B 229 2.43 -24.71 -33.38
N HIS B 230 1.52 -24.31 -32.50
CA HIS B 230 0.87 -25.21 -31.51
C HIS B 230 0.34 -26.44 -32.24
N LEU B 231 -0.34 -26.26 -33.36
CA LEU B 231 -1.04 -27.37 -34.10
C LEU B 231 -0.04 -28.22 -34.90
N SER B 232 0.94 -27.61 -35.56
CA SER B 232 1.71 -28.24 -36.68
C SER B 232 3.23 -28.25 -36.42
N ALA B 233 3.79 -27.24 -35.75
CA ALA B 233 5.25 -27.08 -35.57
C ALA B 233 5.76 -28.05 -34.49
N SER B 234 6.85 -28.75 -34.77
CA SER B 234 7.63 -29.53 -33.79
C SER B 234 7.94 -28.63 -32.59
N PRO B 235 7.77 -29.09 -31.33
CA PRO B 235 8.14 -28.29 -30.17
C PRO B 235 9.62 -28.01 -30.19
N PRO B 236 10.06 -26.76 -29.89
CA PRO B 236 11.46 -26.37 -30.03
C PRO B 236 12.29 -26.97 -28.89
N ALA B 237 13.59 -27.20 -29.13
CA ALA B 237 14.58 -27.62 -28.12
C ALA B 237 14.90 -26.41 -27.23
N ILE B 238 14.69 -26.54 -25.93
CA ILE B 238 14.96 -25.47 -24.93
C ILE B 238 16.47 -25.21 -24.92
N GLY B 239 17.28 -26.24 -25.25
CA GLY B 239 18.74 -26.14 -25.40
C GLY B 239 19.15 -25.18 -26.50
N ASP B 240 18.34 -25.03 -27.55
CA ASP B 240 18.58 -24.12 -28.69
C ASP B 240 18.43 -22.65 -28.26
N ARG B 241 17.84 -22.36 -27.09
CA ARG B 241 17.69 -20.99 -26.53
C ARG B 241 18.71 -20.75 -25.41
N VAL B 242 18.86 -21.75 -24.53
CA VAL B 242 19.78 -21.70 -23.36
C VAL B 242 20.58 -23.00 -23.35
N PRO B 243 21.83 -23.00 -23.89
CA PRO B 243 22.65 -24.20 -23.99
C PRO B 243 22.72 -25.05 -22.72
N GLU B 244 22.86 -24.40 -21.56
CA GLU B 244 22.97 -25.06 -20.22
C GLU B 244 21.77 -26.00 -19.99
N LEU B 245 20.62 -25.73 -20.63
CA LEU B 245 19.33 -26.42 -20.37
C LEU B 245 19.08 -27.56 -21.37
N THR B 246 20.09 -27.97 -22.17
CA THR B 246 19.94 -29.02 -23.21
C THR B 246 19.37 -30.31 -22.62
N PRO B 247 19.80 -30.76 -21.42
CA PRO B 247 19.27 -31.98 -20.82
C PRO B 247 17.74 -32.06 -20.73
N LEU B 248 17.06 -30.91 -20.60
CA LEU B 248 15.58 -30.83 -20.47
C LEU B 248 14.91 -31.01 -21.83
N ASP B 249 15.66 -31.14 -22.93
CA ASP B 249 15.10 -31.17 -24.30
C ASP B 249 13.99 -32.23 -24.39
N PRO B 250 14.25 -33.49 -23.99
CA PRO B 250 13.24 -34.55 -24.15
C PRO B 250 12.03 -34.35 -23.23
N VAL B 251 12.25 -33.67 -22.10
CA VAL B 251 11.19 -33.31 -21.09
C VAL B 251 10.15 -32.40 -21.76
N PHE B 252 10.60 -31.31 -22.37
CA PHE B 252 9.69 -30.34 -23.06
C PHE B 252 9.16 -30.97 -24.36
N ALA B 253 9.98 -31.75 -25.06
CA ALA B 253 9.56 -32.52 -26.25
C ALA B 253 8.32 -33.35 -25.89
N LYS B 254 8.34 -33.97 -24.70
CA LYS B 254 7.28 -34.87 -24.20
C LYS B 254 6.06 -34.09 -23.73
N ALA B 255 6.24 -33.13 -22.82
CA ALA B 255 5.13 -32.37 -22.20
C ALA B 255 4.46 -31.48 -23.26
N LEU B 256 5.19 -31.01 -24.27
CA LEU B 256 4.66 -30.14 -25.36
C LEU B 256 4.27 -30.98 -26.58
N ALA B 257 4.19 -32.29 -26.44
CA ALA B 257 3.75 -33.22 -27.52
C ALA B 257 2.39 -32.76 -28.06
N LYS B 258 2.13 -33.03 -29.34
CA LYS B 258 0.90 -32.63 -30.07
C LYS B 258 -0.27 -33.47 -29.57
N GLN B 259 -0.08 -34.80 -29.54
CA GLN B 259 -1.06 -35.78 -29.03
C GLN B 259 -0.97 -35.84 -27.50
N PRO B 260 -2.05 -35.54 -26.75
CA PRO B 260 -2.06 -35.71 -25.29
C PRO B 260 -1.51 -37.06 -24.79
N LYS B 261 -1.82 -38.15 -25.50
CA LYS B 261 -1.38 -39.53 -25.13
C LYS B 261 0.15 -39.61 -25.01
N ASP B 262 0.91 -38.70 -25.64
CA ASP B 262 2.39 -38.78 -25.70
C ASP B 262 3.03 -37.90 -24.61
N ARG B 263 2.22 -37.21 -23.80
CA ARG B 263 2.72 -36.34 -22.70
C ARG B 263 2.91 -37.20 -21.43
N TYR B 264 3.23 -36.56 -20.31
CA TYR B 264 3.27 -37.23 -18.98
C TYR B 264 1.84 -37.54 -18.54
N GLN B 265 1.67 -38.47 -17.59
CA GLN B 265 0.32 -38.84 -17.09
C GLN B 265 -0.23 -37.72 -16.19
N ARG B 266 0.62 -37.15 -15.32
CA ARG B 266 0.26 -36.08 -14.35
C ARG B 266 1.24 -34.91 -14.49
N CYS B 267 0.81 -33.72 -14.07
CA CYS B 267 1.62 -32.49 -14.08
C CYS B 267 2.85 -32.62 -13.18
N VAL B 268 2.73 -33.31 -12.03
CA VAL B 268 3.87 -33.49 -11.09
C VAL B 268 4.94 -34.39 -11.71
N ASP B 269 4.56 -35.29 -12.62
CA ASP B 269 5.52 -36.15 -13.34
C ASP B 269 6.42 -35.23 -14.16
N PHE B 270 5.83 -34.27 -14.86
CA PHE B 270 6.55 -33.23 -15.65
C PHE B 270 7.43 -32.41 -14.70
N ALA B 271 6.84 -31.89 -13.61
CA ALA B 271 7.54 -31.09 -12.59
C ALA B 271 8.75 -31.86 -12.04
N ARG B 272 8.61 -33.17 -11.83
CA ARG B 272 9.69 -34.05 -11.28
C ARG B 272 10.79 -34.21 -12.34
N ALA B 273 10.41 -34.40 -13.60
CA ALA B 273 11.36 -34.55 -14.74
C ALA B 273 12.20 -33.27 -14.88
N LEU B 274 11.60 -32.10 -14.67
CA LEU B 274 12.32 -30.80 -14.54
C LEU B 274 13.33 -30.89 -13.40
N GLY B 275 12.85 -31.13 -12.18
CA GLY B 275 13.67 -31.21 -10.95
C GLY B 275 14.90 -32.08 -11.15
N HIS B 276 14.72 -33.28 -11.73
CA HIS B 276 15.77 -34.30 -11.94
C HIS B 276 16.99 -33.68 -12.62
N ARG B 277 16.78 -32.75 -13.57
CA ARG B 277 17.86 -32.15 -14.40
C ARG B 277 18.24 -30.76 -13.88
N LEU B 278 17.38 -30.08 -13.11
CA LEU B 278 17.69 -28.75 -12.50
C LEU B 278 18.18 -28.93 -11.06
N GLY C 24 -13.49 24.68 19.15
CA GLY C 24 -12.95 24.73 17.76
C GLY C 24 -13.63 23.75 16.83
N GLU C 25 -14.80 24.13 16.29
CA GLU C 25 -15.52 23.42 15.18
C GLU C 25 -15.02 23.99 13.83
N VAL C 26 -14.76 23.11 12.85
CA VAL C 26 -14.13 23.46 11.54
C VAL C 26 -15.11 23.13 10.40
N TYR C 27 -15.55 24.14 9.65
CA TYR C 27 -16.58 24.01 8.59
C TYR C 27 -15.93 24.24 7.21
N LEU C 28 -16.32 23.42 6.23
CA LEU C 28 -16.09 23.69 4.78
C LEU C 28 -17.06 24.81 4.38
N ALA C 29 -16.57 25.93 3.86
CA ALA C 29 -17.38 27.14 3.62
C ALA C 29 -17.01 27.79 2.29
N ARG C 30 -18.01 28.25 1.54
CA ARG C 30 -17.83 29.12 0.34
C ARG C 30 -17.44 30.52 0.81
N HIS C 31 -16.32 31.05 0.30
CA HIS C 31 -15.74 32.36 0.69
C HIS C 31 -16.71 33.46 0.25
N PRO C 32 -16.87 34.53 1.07
CA PRO C 32 -17.82 35.61 0.71
C PRO C 32 -17.55 36.34 -0.61
N ARG C 33 -16.30 36.48 -1.04
CA ARG C 33 -15.91 37.33 -2.21
C ARG C 33 -15.30 36.46 -3.33
N LEU C 34 -14.41 35.53 -3.01
CA LEU C 34 -13.72 34.68 -4.01
C LEU C 34 -14.56 33.42 -4.26
N PRO C 35 -14.67 32.94 -5.53
CA PRO C 35 -15.44 31.74 -5.83
C PRO C 35 -14.63 30.46 -5.58
N ARG C 36 -14.48 30.09 -4.31
CA ARG C 36 -13.75 28.87 -3.88
C ARG C 36 -14.21 28.46 -2.48
N GLN C 37 -13.88 27.23 -2.07
CA GLN C 37 -14.25 26.66 -0.76
C GLN C 37 -13.03 26.72 0.18
N ASP C 38 -13.25 27.20 1.41
CA ASP C 38 -12.22 27.34 2.47
C ASP C 38 -12.65 26.52 3.69
N ALA C 39 -11.67 26.22 4.57
CA ALA C 39 -11.88 25.64 5.91
C ALA C 39 -11.97 26.78 6.92
N LEU C 40 -13.12 26.95 7.56
CA LEU C 40 -13.34 28.00 8.61
C LEU C 40 -13.38 27.32 9.99
N LYS C 41 -12.40 27.58 10.84
CA LYS C 41 -12.35 27.11 12.24
C LYS C 41 -12.97 28.18 13.14
N ARG C 59 -5.60 33.07 23.07
CA ARG C 59 -4.77 31.99 22.45
C ARG C 59 -5.09 31.88 20.95
N GLU C 60 -4.85 32.98 20.22
CA GLU C 60 -4.85 33.08 18.74
C GLU C 60 -3.48 32.66 18.20
N ALA C 61 -3.40 31.56 17.46
CA ALA C 61 -2.13 31.09 16.90
C ALA C 61 -1.87 31.73 15.56
N ASP C 62 -1.07 32.78 15.56
CA ASP C 62 -0.78 33.49 14.32
C ASP C 62 0.51 32.96 13.73
N ALA C 63 1.13 32.01 14.42
CA ALA C 63 2.35 31.39 13.90
C ALA C 63 2.02 30.62 12.65
N ALA C 64 0.81 30.12 12.57
CA ALA C 64 0.34 29.42 11.34
C ALA C 64 0.44 30.34 10.11
N ALA C 65 0.05 31.61 10.25
CA ALA C 65 0.12 32.67 9.21
C ALA C 65 1.58 33.07 8.96
N SER C 66 2.45 32.93 9.96
CA SER C 66 3.92 33.15 9.90
C SER C 66 4.58 32.16 8.92
N LEU C 67 4.01 30.96 8.75
CA LEU C 67 4.64 29.86 7.96
C LEU C 67 4.13 29.90 6.52
N TRP C 68 5.04 29.81 5.55
CA TRP C 68 4.75 29.77 4.08
C TRP C 68 5.52 28.60 3.47
N HIS C 69 4.87 27.46 3.31
CA HIS C 69 5.50 26.18 2.87
C HIS C 69 4.51 25.43 1.99
N PRO C 70 4.96 24.73 0.93
CA PRO C 70 4.04 24.02 0.04
C PRO C 70 3.33 22.82 0.69
N HIS C 71 3.81 22.38 1.86
CA HIS C 71 3.26 21.21 2.62
C HIS C 71 2.65 21.65 3.96
N ILE C 72 2.51 22.95 4.22
CA ILE C 72 1.82 23.47 5.44
C ILE C 72 0.57 24.21 4.97
N VAL C 73 -0.59 23.87 5.54
CA VAL C 73 -1.91 24.48 5.20
C VAL C 73 -1.83 25.98 5.48
N ALA C 74 -2.26 26.81 4.52
CA ALA C 74 -2.13 28.29 4.57
C ALA C 74 -3.32 28.89 5.32
N VAL C 75 -3.06 29.91 6.15
CA VAL C 75 -4.10 30.78 6.76
C VAL C 75 -4.25 32.02 5.87
N HIS C 76 -5.48 32.36 5.50
CA HIS C 76 -5.81 33.58 4.71
C HIS C 76 -6.04 34.76 5.66
N ASP C 77 -6.83 34.56 6.71
CA ASP C 77 -7.35 35.66 7.59
C ASP C 77 -7.87 35.11 8.93
N ARG C 78 -7.93 35.97 9.94
CA ARG C 78 -8.53 35.73 11.29
C ARG C 78 -9.57 36.83 11.54
N GLY C 79 -10.49 36.64 12.49
CA GLY C 79 -11.47 37.67 12.86
C GLY C 79 -12.39 37.24 14.00
N GLU C 80 -13.35 38.11 14.36
CA GLU C 80 -14.41 37.84 15.38
C GLU C 80 -15.78 38.18 14.79
N ASP C 82 -19.78 37.83 15.97
CA ASP C 82 -20.72 37.71 17.11
C ASP C 82 -20.03 36.95 18.25
N GLY C 83 -18.88 37.46 18.71
CA GLY C 83 -18.15 36.96 19.90
C GLY C 83 -17.46 35.62 19.66
N GLN C 84 -17.55 35.05 18.46
CA GLN C 84 -16.88 33.77 18.08
C GLN C 84 -15.67 34.09 17.20
N LEU C 85 -14.46 33.70 17.64
CA LEU C 85 -13.19 33.91 16.89
C LEU C 85 -13.09 32.86 15.78
N TRP C 86 -12.73 33.28 14.56
CA TRP C 86 -12.68 32.42 13.34
C TRP C 86 -11.32 32.55 12.64
N ILE C 87 -10.87 31.45 12.03
CA ILE C 87 -9.66 31.39 11.16
C ILE C 87 -10.07 30.83 9.80
N ASP C 88 -9.93 31.64 8.75
CA ASP C 88 -10.13 31.24 7.32
C ASP C 88 -8.80 30.65 6.83
N MET C 89 -8.81 29.40 6.37
CA MET C 89 -7.59 28.70 5.89
C MET C 89 -7.93 27.86 4.66
N ASP C 90 -6.90 27.42 3.93
CA ASP C 90 -7.02 26.52 2.76
C ASP C 90 -7.89 25.33 3.13
N PHE C 91 -8.76 24.89 2.22
CA PHE C 91 -9.50 23.61 2.32
C PHE C 91 -8.74 22.57 1.50
N VAL C 92 -8.25 21.50 2.15
CA VAL C 92 -7.56 20.37 1.47
C VAL C 92 -8.64 19.36 1.04
N ASP C 93 -9.04 19.39 -0.22
CA ASP C 93 -10.10 18.51 -0.78
C ASP C 93 -9.50 17.12 -1.04
N GLY C 94 -9.59 16.22 -0.06
CA GLY C 94 -9.11 14.83 -0.20
C GLY C 94 -9.43 14.01 1.02
N THR C 95 -8.44 13.34 1.59
CA THR C 95 -8.55 12.44 2.78
C THR C 95 -7.43 12.78 3.77
N ASP C 96 -7.64 12.49 5.06
CA ASP C 96 -6.54 12.36 6.06
C ASP C 96 -6.00 10.95 5.98
N THR C 97 -4.83 10.69 6.56
CA THR C 97 -4.14 9.37 6.47
C THR C 97 -4.90 8.34 7.33
N VAL C 98 -5.65 8.78 8.34
CA VAL C 98 -6.51 7.92 9.22
C VAL C 98 -7.48 7.16 8.33
N SER C 99 -8.26 7.88 7.52
CA SER C 99 -9.30 7.36 6.61
C SER C 99 -8.66 6.50 5.52
N LEU C 100 -7.43 6.82 5.11
CA LEU C 100 -6.67 5.98 4.13
C LEU C 100 -6.37 4.62 4.76
N LEU C 101 -6.05 4.60 6.06
CA LEU C 101 -5.76 3.36 6.82
C LEU C 101 -7.07 2.56 7.03
N ARG C 102 -8.12 3.20 7.52
CA ARG C 102 -9.43 2.56 7.76
C ARG C 102 -9.96 1.94 6.45
N ASP C 103 -9.98 2.70 5.36
CA ASP C 103 -10.78 2.41 4.14
C ASP C 103 -9.99 1.63 3.07
N ARG C 104 -8.65 1.72 3.05
CA ARG C 104 -7.84 1.11 1.96
C ARG C 104 -6.74 0.19 2.49
N TYR C 105 -6.03 0.54 3.55
CA TYR C 105 -4.79 -0.15 4.00
C TYR C 105 -4.86 -0.49 5.49
N PRO C 106 -5.79 -1.36 5.94
CA PRO C 106 -6.02 -1.57 7.37
C PRO C 106 -4.82 -2.17 8.12
N ASN C 107 -3.97 -2.92 7.40
CA ASN C 107 -2.78 -3.61 7.94
C ASN C 107 -1.52 -2.78 7.67
N GLY C 108 -1.65 -1.58 7.10
CA GLY C 108 -0.52 -0.66 6.85
C GLY C 108 -0.45 -0.23 5.41
N MET C 109 0.06 0.98 5.16
CA MET C 109 0.19 1.61 3.82
C MET C 109 1.42 1.06 3.13
N PRO C 110 1.49 1.10 1.78
CA PRO C 110 2.70 0.70 1.06
C PRO C 110 3.93 1.53 1.48
N GLY C 111 5.09 0.88 1.65
CA GLY C 111 6.36 1.51 2.06
C GLY C 111 6.66 2.79 1.29
N PRO C 112 6.72 2.76 -0.06
CA PRO C 112 6.98 3.96 -0.85
C PRO C 112 6.03 5.14 -0.56
N GLU C 113 4.74 4.88 -0.31
CA GLU C 113 3.74 5.95 -0.02
C GLU C 113 4.04 6.54 1.36
N VAL C 114 4.52 5.73 2.32
CA VAL C 114 4.83 6.22 3.70
C VAL C 114 6.07 7.11 3.64
N THR C 115 7.12 6.72 2.92
CA THR C 115 8.34 7.54 2.71
C THR C 115 7.97 8.90 2.10
N GLU C 116 7.09 8.89 1.08
CA GLU C 116 6.56 10.12 0.44
C GLU C 116 5.95 11.01 1.53
N ILE C 117 5.01 10.48 2.31
CA ILE C 117 4.21 11.28 3.31
C ILE C 117 5.15 11.78 4.39
N ILE C 118 6.00 10.92 4.95
CA ILE C 118 6.86 11.27 6.12
C ILE C 118 7.89 12.31 5.67
N THR C 119 8.51 12.13 4.51
CA THR C 119 9.48 13.11 3.93
C THR C 119 8.79 14.47 3.81
N ALA C 120 7.60 14.54 3.22
CA ALA C 120 6.83 15.79 3.00
C ALA C 120 6.60 16.50 4.33
N VAL C 121 6.14 15.74 5.34
CA VAL C 121 5.82 16.28 6.70
C VAL C 121 7.12 16.65 7.42
N ALA C 122 8.18 15.85 7.24
CA ALA C 122 9.50 16.07 7.86
C ALA C 122 10.03 17.44 7.44
N GLU C 123 9.87 17.75 6.15
CA GLU C 123 10.30 19.02 5.54
C GLU C 123 9.52 20.18 6.17
N ALA C 124 8.19 20.08 6.17
CA ALA C 124 7.28 21.09 6.77
C ALA C 124 7.72 21.37 8.21
N LEU C 125 8.02 20.32 8.98
CA LEU C 125 8.34 20.44 10.42
C LEU C 125 9.73 21.08 10.58
N ASP C 126 10.72 20.61 9.82
CA ASP C 126 12.11 21.12 9.84
C ASP C 126 12.10 22.62 9.50
N TYR C 127 11.29 23.01 8.51
CA TYR C 127 11.09 24.42 8.10
C TYR C 127 10.56 25.21 9.31
N ALA C 128 9.49 24.73 9.94
CA ALA C 128 8.82 25.41 11.08
C ALA C 128 9.80 25.49 12.27
N HIS C 129 10.61 24.46 12.47
CA HIS C 129 11.58 24.39 13.60
C HIS C 129 12.65 25.47 13.42
N GLU C 130 13.20 25.62 12.21
CA GLU C 130 14.20 26.67 11.86
C GLU C 130 13.67 28.06 12.23
N ARG C 131 12.35 28.26 12.22
CA ARG C 131 11.65 29.52 12.57
C ARG C 131 11.12 29.48 14.02
N ARG C 132 11.67 28.61 14.86
CA ARG C 132 11.38 28.51 16.32
C ARG C 132 9.87 28.28 16.56
N LEU C 133 9.23 27.45 15.72
CA LEU C 133 7.79 27.06 15.86
C LEU C 133 7.67 25.54 15.85
N LEU C 134 6.98 24.99 16.86
CA LEU C 134 6.71 23.53 17.00
C LEU C 134 5.23 23.29 16.65
N HIS C 135 4.94 22.19 15.98
CA HIS C 135 3.55 21.78 15.64
C HIS C 135 2.83 21.38 16.93
N ARG C 136 3.41 20.45 17.68
CA ARG C 136 3.01 20.02 19.06
C ARG C 136 1.92 18.93 18.99
N ASP C 137 1.35 18.62 17.82
CA ASP C 137 0.28 17.59 17.69
C ASP C 137 0.37 16.87 16.34
N VAL C 138 1.56 16.43 15.92
CA VAL C 138 1.72 15.61 14.68
C VAL C 138 1.00 14.27 14.88
N LYS C 139 0.08 13.92 13.98
CA LYS C 139 -0.69 12.66 14.05
C LYS C 139 -1.34 12.40 12.68
N PRO C 140 -1.66 11.13 12.36
CA PRO C 140 -2.27 10.80 11.07
C PRO C 140 -3.45 11.70 10.64
N ALA C 141 -4.23 12.21 11.58
CA ALA C 141 -5.46 12.99 11.31
C ALA C 141 -5.10 14.42 10.87
N ASN C 142 -3.88 14.87 11.18
CA ASN C 142 -3.33 16.20 10.78
C ASN C 142 -2.50 16.10 9.49
N ILE C 143 -2.36 14.91 8.91
CA ILE C 143 -1.68 14.71 7.61
C ILE C 143 -2.77 14.50 6.56
N LEU C 144 -3.04 15.54 5.77
CA LEU C 144 -4.08 15.57 4.72
C LEU C 144 -3.42 15.35 3.36
N ILE C 145 -4.12 14.70 2.44
CA ILE C 145 -3.67 14.49 1.05
C ILE C 145 -4.82 14.90 0.11
N ALA C 146 -4.68 16.02 -0.58
CA ALA C 146 -5.66 16.48 -1.59
C ALA C 146 -5.48 15.65 -2.86
N ASN C 147 -6.59 15.30 -3.50
CA ASN C 147 -6.61 14.57 -4.80
C ASN C 147 -5.61 13.43 -4.74
N PRO C 148 -5.78 12.47 -3.79
CA PRO C 148 -4.79 11.41 -3.57
C PRO C 148 -4.47 10.58 -4.83
N ASP C 149 -5.48 10.37 -5.68
CA ASP C 149 -5.47 9.42 -6.83
C ASP C 149 -5.23 10.19 -8.14
N SER C 150 -5.05 11.52 -8.08
CA SER C 150 -4.79 12.43 -9.22
C SER C 150 -3.29 12.75 -9.31
N PRO C 151 -2.81 13.27 -10.46
CA PRO C 151 -1.48 13.87 -10.54
C PRO C 151 -1.31 15.12 -9.65
N ASP C 152 -2.42 15.82 -9.35
CA ASP C 152 -2.46 17.06 -8.52
C ASP C 152 -2.33 16.71 -7.03
N ARG C 153 -2.00 15.45 -6.71
CA ARG C 153 -1.76 14.90 -5.35
C ARG C 153 -0.86 15.85 -4.56
N ARG C 154 -1.26 16.20 -3.33
CA ARG C 154 -0.56 17.16 -2.47
C ARG C 154 -0.72 16.76 -0.99
N ILE C 155 0.39 16.47 -0.33
CA ILE C 155 0.49 16.11 1.11
C ILE C 155 0.60 17.42 1.92
N MET C 156 -0.29 17.64 2.88
CA MET C 156 -0.36 18.88 3.70
C MET C 156 -0.35 18.52 5.18
N LEU C 157 0.38 19.30 5.99
CA LEU C 157 0.36 19.24 7.48
C LEU C 157 -0.55 20.37 7.98
N ALA C 158 -1.58 20.03 8.76
CA ALA C 158 -2.62 20.96 9.23
C ALA C 158 -2.55 21.09 10.75
N ASP C 159 -3.25 22.09 11.29
CA ASP C 159 -3.55 22.29 12.74
C ASP C 159 -2.28 22.65 13.50
N PHE C 160 -1.42 23.49 12.91
CA PHE C 160 -0.34 24.21 13.64
C PHE C 160 -0.95 25.11 14.73
N THR C 181 -6.01 12.55 22.44
CA THR C 181 -5.25 11.36 21.96
C THR C 181 -3.76 11.49 22.32
N VAL C 182 -3.22 10.44 22.93
CA VAL C 182 -1.87 10.40 23.57
C VAL C 182 -1.02 9.37 22.85
N SER C 183 -1.53 8.79 21.77
CA SER C 183 -0.84 7.75 20.96
C SER C 183 0.51 8.21 20.43
N TYR C 184 0.68 9.51 20.11
CA TYR C 184 1.88 10.01 19.37
C TYR C 184 2.69 11.01 20.20
N ALA C 185 2.21 11.45 21.36
CA ALA C 185 2.88 12.52 22.17
C ALA C 185 4.21 12.02 22.73
N ALA C 186 5.25 12.84 22.66
CA ALA C 186 6.61 12.56 23.16
C ALA C 186 6.62 12.68 24.67
N PRO C 187 7.45 11.88 25.37
CA PRO C 187 7.47 11.88 26.83
C PRO C 187 7.70 13.27 27.43
N GLU C 188 8.66 14.04 26.90
CA GLU C 188 9.01 15.39 27.41
C GLU C 188 7.79 16.31 27.30
N GLN C 189 6.96 16.11 26.26
CA GLN C 189 5.74 16.93 26.04
C GLN C 189 4.66 16.51 27.04
N LEU C 190 4.48 15.20 27.25
CA LEU C 190 3.56 14.66 28.29
C LEU C 190 3.96 15.21 29.66
N MET C 191 5.26 15.27 29.97
CA MET C 191 5.78 15.76 31.28
C MET C 191 5.64 17.28 31.41
N GLY C 192 5.34 18.00 30.33
CA GLY C 192 5.24 19.46 30.33
C GLY C 192 6.59 20.13 30.49
N ASN C 193 7.67 19.52 29.99
CA ASN C 193 9.05 20.05 30.01
C ASN C 193 9.27 21.00 28.83
N GLU C 194 10.43 21.67 28.80
CA GLU C 194 10.89 22.55 27.69
C GLU C 194 11.02 21.69 26.43
N LEU C 195 10.41 22.13 25.33
CA LEU C 195 10.30 21.36 24.06
C LEU C 195 11.32 21.87 23.05
N ASP C 196 11.64 21.03 22.07
CA ASP C 196 12.37 21.41 20.84
C ASP C 196 11.77 20.58 19.69
N GLY C 197 12.33 20.71 18.50
CA GLY C 197 11.85 20.03 17.28
C GLY C 197 11.77 18.53 17.45
N ARG C 198 12.62 17.95 18.30
CA ARG C 198 12.72 16.48 18.44
C ARG C 198 11.41 15.93 19.06
N ALA C 199 10.58 16.76 19.69
CA ALA C 199 9.25 16.36 20.19
C ALA C 199 8.34 16.01 19.01
N ASP C 200 8.27 16.88 18.00
CA ASP C 200 7.50 16.63 16.75
C ASP C 200 8.08 15.42 16.02
N GLN C 201 9.40 15.20 16.09
CA GLN C 201 10.07 14.06 15.43
C GLN C 201 9.46 12.76 15.98
N TYR C 202 9.44 12.63 17.31
CA TYR C 202 8.83 11.52 18.06
C TYR C 202 7.42 11.26 17.51
N ALA C 203 6.60 12.30 17.50
CA ALA C 203 5.20 12.22 17.01
C ALA C 203 5.18 11.70 15.58
N LEU C 204 6.04 12.25 14.72
CA LEU C 204 6.15 11.84 13.28
C LEU C 204 6.54 10.38 13.18
N ALA C 205 7.47 9.92 14.03
CA ALA C 205 7.93 8.52 14.06
C ALA C 205 6.79 7.60 14.51
N ALA C 206 6.09 7.99 15.57
CA ALA C 206 4.88 7.29 16.08
C ALA C 206 3.84 7.24 14.97
N THR C 207 3.64 8.35 14.26
CA THR C 207 2.73 8.45 13.09
C THR C 207 3.17 7.44 12.03
N ALA C 208 4.46 7.40 11.70
CA ALA C 208 5.01 6.52 10.64
C ALA C 208 4.77 5.05 11.01
N PHE C 209 5.04 4.72 12.28
CA PHE C 209 4.81 3.36 12.85
C PHE C 209 3.36 2.94 12.53
N HIS C 210 2.41 3.80 12.88
CA HIS C 210 0.95 3.58 12.66
C HIS C 210 0.71 3.37 11.18
N LEU C 211 1.19 4.26 10.32
CA LEU C 211 0.97 4.22 8.85
C LEU C 211 1.48 2.90 8.29
N LEU C 212 2.64 2.39 8.77
CA LEU C 212 3.29 1.16 8.22
C LEU C 212 2.58 -0.13 8.68
N THR C 213 2.15 -0.21 9.94
CA THR C 213 1.69 -1.46 10.59
C THR C 213 0.17 -1.57 10.66
N GLY C 214 -0.55 -0.48 10.87
CA GLY C 214 -2.01 -0.51 11.11
C GLY C 214 -2.36 -0.01 12.49
N SER C 215 -1.37 0.06 13.40
CA SER C 215 -1.57 0.46 14.82
C SER C 215 -0.37 1.26 15.34
N PRO C 216 -0.58 2.15 16.33
CA PRO C 216 0.52 2.93 16.91
C PRO C 216 1.45 2.08 17.77
N PRO C 217 2.65 2.59 18.11
CA PRO C 217 3.65 1.80 18.84
C PRO C 217 3.15 1.28 20.19
N PHE C 218 2.35 2.06 20.91
CA PHE C 218 1.84 1.68 22.21
C PHE C 218 0.33 1.80 22.18
N GLN C 219 -0.37 0.72 22.51
CA GLN C 219 -1.82 0.72 22.49
C GLN C 219 -2.47 0.12 23.73
N HIS C 220 -3.54 0.74 24.22
CA HIS C 220 -4.25 0.25 25.39
C HIS C 220 -5.56 1.01 25.49
N ALA C 221 -6.55 0.46 26.18
CA ALA C 221 -7.87 1.12 26.30
C ALA C 221 -7.67 2.29 27.28
N ASN C 222 -6.79 2.13 28.27
CA ASN C 222 -6.48 3.15 29.30
C ASN C 222 -5.41 4.10 28.78
N PRO C 223 -5.77 5.38 28.50
CA PRO C 223 -4.80 6.39 28.06
C PRO C 223 -3.59 6.50 29.00
N ALA C 224 -3.84 6.38 30.32
CA ALA C 224 -2.81 6.50 31.37
C ALA C 224 -1.72 5.45 31.12
N VAL C 225 -2.10 4.28 30.61
CA VAL C 225 -1.13 3.17 30.34
C VAL C 225 -0.27 3.55 29.13
N VAL C 226 -0.91 3.99 28.04
CA VAL C 226 -0.20 4.52 26.84
C VAL C 226 0.79 5.60 27.28
N ILE C 227 0.34 6.57 28.08
CA ILE C 227 1.21 7.68 28.59
C ILE C 227 2.40 7.07 29.33
N SER C 228 2.19 6.07 30.17
CA SER C 228 3.26 5.47 31.02
C SER C 228 4.29 4.78 30.12
N GLN C 229 3.86 4.22 28.99
CA GLN C 229 4.74 3.50 28.05
C GLN C 229 5.60 4.53 27.29
N HIS C 230 5.01 5.64 26.86
CA HIS C 230 5.72 6.81 26.31
C HIS C 230 6.86 7.22 27.26
N LEU C 231 6.57 7.30 28.56
CA LEU C 231 7.51 7.81 29.60
C LEU C 231 8.58 6.77 29.95
N SER C 232 8.23 5.48 30.07
CA SER C 232 9.06 4.45 30.75
C SER C 232 9.39 3.26 29.83
N ALA C 233 8.46 2.85 28.95
CA ALA C 233 8.54 1.58 28.19
C ALA C 233 9.52 1.71 27.04
N SER C 234 10.40 0.72 26.89
CA SER C 234 11.28 0.54 25.72
C SER C 234 10.44 0.67 24.43
N PRO C 235 10.89 1.43 23.42
CA PRO C 235 10.12 1.53 22.17
C PRO C 235 10.05 0.17 21.50
N PRO C 236 8.88 -0.25 20.97
CA PRO C 236 8.70 -1.61 20.47
C PRO C 236 9.43 -1.78 19.13
N ALA C 237 9.84 -3.01 18.82
CA ALA C 237 10.38 -3.40 17.51
C ALA C 237 9.21 -3.48 16.52
N ILE C 238 9.27 -2.72 15.44
CA ILE C 238 8.25 -2.71 14.35
C ILE C 238 8.24 -4.10 13.70
N GLY C 239 9.40 -4.79 13.71
CA GLY C 239 9.57 -6.16 13.21
C GLY C 239 8.73 -7.16 13.98
N ASP C 240 8.47 -6.91 15.27
CA ASP C 240 7.64 -7.78 16.15
C ASP C 240 6.16 -7.74 15.73
N ARG C 241 5.73 -6.76 14.91
CA ARG C 241 4.33 -6.66 14.40
C ARG C 241 4.27 -7.10 12.94
N VAL C 242 5.24 -6.67 12.14
CA VAL C 242 5.34 -6.95 10.68
C VAL C 242 6.76 -7.43 10.39
N PRO C 243 6.98 -8.76 10.33
CA PRO C 243 8.31 -9.33 10.14
C PRO C 243 9.13 -8.70 9.00
N GLU C 244 8.49 -8.42 7.86
CA GLU C 244 9.12 -7.80 6.65
C GLU C 244 9.81 -6.49 7.04
N LEU C 245 9.38 -5.80 8.10
CA LEU C 245 9.83 -4.44 8.49
C LEU C 245 10.94 -4.48 9.55
N THR C 246 11.53 -5.64 9.83
CA THR C 246 12.57 -5.81 10.88
C THR C 246 13.72 -4.84 10.67
N PRO C 247 14.22 -4.62 9.43
CA PRO C 247 15.33 -3.69 9.20
C PRO C 247 15.14 -2.29 9.79
N LEU C 248 13.89 -1.81 9.92
CA LEU C 248 13.56 -0.46 10.43
C LEU C 248 13.66 -0.42 11.97
N ASP C 249 13.91 -1.54 12.63
CA ASP C 249 13.87 -1.65 14.11
C ASP C 249 14.73 -0.55 14.74
N PRO C 250 16.02 -0.39 14.35
CA PRO C 250 16.89 0.57 15.02
C PRO C 250 16.47 2.02 14.71
N VAL C 251 15.84 2.25 13.55
CA VAL C 251 15.32 3.57 13.09
C VAL C 251 14.25 4.04 14.08
N PHE C 252 13.25 3.21 14.37
CA PHE C 252 12.15 3.56 15.32
C PHE C 252 12.68 3.55 16.76
N ALA C 253 13.60 2.64 17.09
CA ALA C 253 14.30 2.62 18.40
C ALA C 253 14.91 4.00 18.67
N LYS C 254 15.52 4.60 17.63
CA LYS C 254 16.23 5.90 17.70
C LYS C 254 15.25 7.06 17.76
N ALA C 255 14.33 7.16 16.81
CA ALA C 255 13.39 8.29 16.69
C ALA C 255 12.41 8.30 17.87
N LEU C 256 12.09 7.12 18.43
CA LEU C 256 11.15 6.98 19.57
C LEU C 256 11.92 6.91 20.90
N ALA C 257 13.21 7.26 20.90
CA ALA C 257 14.06 7.32 22.11
C ALA C 257 13.38 8.19 23.16
N LYS C 258 13.64 7.88 24.44
CA LYS C 258 13.04 8.59 25.61
C LYS C 258 13.66 9.97 25.72
N GLN C 259 14.99 10.03 25.73
CA GLN C 259 15.77 11.30 25.80
C GLN C 259 15.87 11.89 24.39
N PRO C 260 15.35 13.12 24.15
CA PRO C 260 15.51 13.80 22.86
C PRO C 260 16.92 13.74 22.26
N LYS C 261 17.96 13.88 23.10
CA LYS C 261 19.40 13.86 22.72
C LYS C 261 19.74 12.59 21.90
N ASP C 262 18.98 11.50 22.05
CA ASP C 262 19.32 10.18 21.46
C ASP C 262 18.55 9.97 20.14
N ARG C 263 17.71 10.93 19.73
CA ARG C 263 16.93 10.85 18.48
C ARG C 263 17.78 11.41 17.32
N TYR C 264 17.19 11.51 16.13
CA TYR C 264 17.82 12.16 14.95
C TYR C 264 17.89 13.67 15.19
N GLN C 265 18.78 14.36 14.49
CA GLN C 265 18.98 15.82 14.65
C GLN C 265 17.82 16.57 14.00
N ARG C 266 17.38 16.11 12.82
CA ARG C 266 16.26 16.70 12.04
C ARG C 266 15.26 15.60 11.68
N CYS C 267 14.01 15.98 11.41
CA CYS C 267 12.91 15.07 10.98
C CYS C 267 13.24 14.42 9.64
N VAL C 268 13.90 15.14 8.71
CA VAL C 268 14.26 14.57 7.37
C VAL C 268 15.33 13.49 7.53
N ASP C 269 16.18 13.57 8.56
CA ASP C 269 17.17 12.50 8.84
C ASP C 269 16.41 11.20 9.11
N PHE C 270 15.36 11.27 9.94
CA PHE C 270 14.46 10.14 10.25
C PHE C 270 13.79 9.68 8.95
N ALA C 271 13.18 10.61 8.21
CA ALA C 271 12.49 10.34 6.93
C ALA C 271 13.44 9.61 5.97
N ARG C 272 14.71 10.01 5.91
CA ARG C 272 15.73 9.42 5.01
C ARG C 272 16.05 7.99 5.46
N ALA C 273 16.22 7.78 6.78
CA ALA C 273 16.53 6.46 7.39
C ALA C 273 15.40 5.48 7.08
N LEU C 274 14.14 5.95 7.12
CA LEU C 274 12.94 5.18 6.69
C LEU C 274 13.11 4.80 5.22
N GLY C 275 13.24 5.79 4.33
CA GLY C 275 13.35 5.61 2.89
C GLY C 275 14.39 4.56 2.53
N HIS C 276 15.57 4.63 3.14
CA HIS C 276 16.73 3.73 2.88
C HIS C 276 16.29 2.26 2.94
N ARG C 277 15.41 1.91 3.88
CA ARG C 277 14.98 0.50 4.12
C ARG C 277 13.59 0.25 3.50
N LEU C 278 12.65 1.19 3.67
CA LEU C 278 11.24 1.06 3.17
C LEU C 278 11.16 1.74 1.80
N ALA D 4 2.88 55.47 -4.02
CA ALA D 4 4.15 55.45 -3.21
C ALA D 4 3.92 56.21 -1.90
N GLU D 5 3.52 55.49 -0.84
CA GLU D 5 3.17 56.08 0.49
C GLU D 5 3.17 55.00 1.58
N GLY D 6 3.79 55.27 2.73
CA GLY D 6 3.91 54.34 3.86
C GLY D 6 2.71 54.38 4.80
N SER D 7 1.52 54.62 4.23
CA SER D 7 0.24 54.84 4.97
C SER D 7 -0.48 53.52 5.23
N THR D 8 -1.73 53.63 5.69
CA THR D 8 -2.69 52.52 5.93
C THR D 8 -3.71 52.47 4.78
N PHE D 9 -3.90 51.29 4.19
CA PHE D 9 -4.84 51.02 3.08
C PHE D 9 -5.59 49.70 3.37
N ALA D 10 -6.90 49.81 3.61
CA ALA D 10 -7.79 48.68 3.97
C ALA D 10 -7.16 47.91 5.13
N GLY D 11 -6.59 48.63 6.12
CA GLY D 11 -5.97 48.03 7.32
C GLY D 11 -4.52 47.65 7.09
N PHE D 12 -4.13 47.37 5.84
CA PHE D 12 -2.73 47.04 5.45
C PHE D 12 -1.85 48.28 5.68
N THR D 13 -0.64 48.10 6.22
CA THR D 13 0.41 49.15 6.27
C THR D 13 1.31 49.01 5.03
N ILE D 14 1.36 50.04 4.18
CA ILE D 14 2.17 50.02 2.92
C ILE D 14 3.64 50.15 3.33
N VAL D 15 4.52 49.33 2.75
CA VAL D 15 5.97 49.27 3.12
C VAL D 15 6.80 49.78 1.94
N ARG D 16 6.60 49.24 0.74
CA ARG D 16 7.42 49.53 -0.47
C ARG D 16 6.60 49.19 -1.73
N GLN D 17 6.94 49.79 -2.87
CA GLN D 17 6.31 49.48 -4.19
C GLN D 17 7.06 48.27 -4.78
N LEU D 18 6.32 47.31 -5.35
CA LEU D 18 6.87 46.09 -6.03
C LEU D 18 6.72 46.28 -7.55
N GLU D 25 -0.92 49.89 -8.95
CA GLU D 25 0.29 49.76 -8.10
C GLU D 25 0.21 48.42 -7.32
N VAL D 26 1.33 47.71 -7.21
CA VAL D 26 1.49 46.49 -6.36
C VAL D 26 2.50 46.77 -5.24
N TYR D 27 2.05 46.74 -3.99
CA TYR D 27 2.83 47.15 -2.79
C TYR D 27 3.10 45.93 -1.90
N LEU D 28 4.30 45.85 -1.32
CA LEU D 28 4.59 45.03 -0.11
C LEU D 28 3.91 45.72 1.08
N ALA D 29 3.01 45.01 1.79
CA ALA D 29 2.16 45.58 2.85
C ALA D 29 2.07 44.63 4.05
N ARG D 30 2.16 45.17 5.26
CA ARG D 30 1.92 44.42 6.52
C ARG D 30 0.41 44.20 6.68
N HIS D 31 -0.02 42.95 6.85
CA HIS D 31 -1.44 42.53 6.93
C HIS D 31 -2.05 43.14 8.19
N PRO D 32 -3.33 43.61 8.16
CA PRO D 32 -3.94 44.23 9.33
C PRO D 32 -4.06 43.33 10.58
N ARG D 33 -4.23 42.02 10.42
CA ARG D 33 -4.53 41.09 11.55
C ARG D 33 -3.41 40.05 11.74
N LEU D 34 -2.88 39.48 10.66
CA LEU D 34 -1.81 38.45 10.73
C LEU D 34 -0.45 39.12 10.72
N PRO D 35 0.52 38.66 11.54
CA PRO D 35 1.86 39.26 11.57
C PRO D 35 2.74 38.71 10.45
N ARG D 36 2.51 39.20 9.23
CA ARG D 36 3.30 38.84 8.02
C ARG D 36 3.15 39.95 6.98
N GLN D 37 4.00 39.92 5.95
CA GLN D 37 3.95 40.87 4.80
C GLN D 37 3.25 40.17 3.63
N ASP D 38 2.34 40.89 2.97
CA ASP D 38 1.60 40.44 1.76
C ASP D 38 1.89 41.39 0.60
N ALA D 39 1.62 40.93 -0.62
CA ALA D 39 1.62 41.73 -1.87
C ALA D 39 0.20 42.24 -2.11
N LEU D 40 -0.01 43.56 -2.07
CA LEU D 40 -1.33 44.20 -2.27
C LEU D 40 -1.32 44.90 -3.63
N LYS D 41 -2.15 44.43 -4.58
CA LYS D 41 -2.40 45.13 -5.87
C LYS D 41 -3.60 46.06 -5.68
N VAL D 42 -3.48 47.32 -6.12
CA VAL D 42 -4.52 48.39 -5.97
C VAL D 42 -4.86 48.96 -7.35
N LEU D 43 -6.16 49.21 -7.61
CA LEU D 43 -6.68 49.85 -8.85
C LEU D 43 -7.18 51.27 -8.52
N ARG D 44 -7.21 52.16 -9.53
CA ARG D 44 -7.39 53.62 -9.39
C ARG D 44 -8.83 54.04 -9.71
N ALA D 45 -9.34 53.69 -10.90
CA ALA D 45 -10.72 53.94 -11.36
C ALA D 45 -11.30 52.65 -11.95
N GLU D 60 -13.42 40.34 -11.20
CA GLU D 60 -12.47 40.23 -12.29
C GLU D 60 -11.76 38.89 -12.28
N ALA D 61 -10.44 38.91 -12.10
CA ALA D 61 -9.65 37.66 -12.00
C ALA D 61 -9.97 36.95 -10.67
N ASP D 62 -11.18 36.39 -10.54
CA ASP D 62 -11.59 35.43 -9.48
C ASP D 62 -10.99 34.05 -9.77
N ALA D 63 -10.46 33.85 -10.98
CA ALA D 63 -9.89 32.56 -11.48
C ALA D 63 -8.57 32.25 -10.76
N ALA D 64 -7.79 33.29 -10.44
CA ALA D 64 -6.54 33.21 -9.62
C ALA D 64 -6.81 32.50 -8.28
N ALA D 65 -7.95 32.78 -7.64
CA ALA D 65 -8.40 32.14 -6.37
C ALA D 65 -8.83 30.70 -6.63
N SER D 66 -9.28 30.39 -7.85
CA SER D 66 -9.62 29.01 -8.34
C SER D 66 -8.39 28.11 -8.35
N LEU D 67 -7.18 28.66 -8.51
CA LEU D 67 -5.93 27.86 -8.66
C LEU D 67 -5.27 27.67 -7.29
N TRP D 68 -4.91 26.44 -6.94
CA TRP D 68 -4.22 26.03 -5.70
C TRP D 68 -3.06 25.09 -6.09
N HIS D 69 -1.86 25.65 -6.20
CA HIS D 69 -0.66 24.97 -6.72
C HIS D 69 0.55 25.48 -5.94
N PRO D 70 1.55 24.62 -5.64
CA PRO D 70 2.72 25.04 -4.86
C PRO D 70 3.63 26.04 -5.59
N HIS D 71 3.46 26.21 -6.90
CA HIS D 71 4.27 27.10 -7.78
C HIS D 71 3.43 28.27 -8.34
N ILE D 72 2.18 28.44 -7.90
CA ILE D 72 1.32 29.60 -8.27
C ILE D 72 1.10 30.44 -7.02
N VAL D 73 1.37 31.74 -7.10
CA VAL D 73 1.20 32.72 -5.98
C VAL D 73 -0.28 32.71 -5.56
N ALA D 74 -0.55 32.59 -4.26
CA ALA D 74 -1.90 32.40 -3.69
C ALA D 74 -2.55 33.76 -3.46
N VAL D 75 -3.86 33.88 -3.77
CA VAL D 75 -4.67 35.07 -3.40
C VAL D 75 -5.41 34.74 -2.10
N HIS D 76 -5.33 35.64 -1.11
CA HIS D 76 -5.97 35.49 0.20
C HIS D 76 -7.38 36.12 0.15
N ASP D 77 -7.51 37.31 -0.44
CA ASP D 77 -8.76 38.12 -0.36
C ASP D 77 -8.79 39.19 -1.45
N ARG D 78 -9.99 39.70 -1.77
CA ARG D 78 -10.24 40.88 -2.63
C ARG D 78 -11.14 41.85 -1.85
N GLY D 79 -11.19 43.13 -2.21
CA GLY D 79 -12.01 44.14 -1.50
C GLY D 79 -12.03 45.49 -2.21
N GLU D 80 -12.84 46.43 -1.69
CA GLU D 80 -12.94 47.83 -2.18
C GLU D 80 -12.77 48.78 -0.99
N PHE D 81 -11.74 49.63 -1.03
CA PHE D 81 -11.42 50.66 -0.02
C PHE D 81 -11.42 52.04 -0.68
N ASP D 82 -12.38 52.89 -0.30
CA ASP D 82 -12.61 54.25 -0.88
C ASP D 82 -12.57 54.16 -2.40
N GLY D 83 -13.40 53.28 -3.00
CA GLY D 83 -13.62 53.19 -4.45
C GLY D 83 -12.44 52.57 -5.21
N GLN D 84 -11.37 52.17 -4.52
CA GLN D 84 -10.18 51.51 -5.12
C GLN D 84 -10.22 50.01 -4.81
N LEU D 85 -10.25 49.15 -5.85
CA LEU D 85 -10.25 47.67 -5.72
C LEU D 85 -8.85 47.18 -5.36
N TRP D 86 -8.74 46.28 -4.37
CA TRP D 86 -7.45 45.72 -3.88
C TRP D 86 -7.50 44.18 -3.87
N ILE D 87 -6.36 43.55 -4.15
CA ILE D 87 -6.17 42.07 -4.16
C ILE D 87 -4.99 41.75 -3.25
N ASP D 88 -5.26 41.08 -2.13
CA ASP D 88 -4.26 40.62 -1.13
C ASP D 88 -3.76 39.25 -1.58
N MET D 89 -2.46 39.10 -1.80
CA MET D 89 -1.84 37.83 -2.24
C MET D 89 -0.53 37.59 -1.50
N ASP D 90 -0.03 36.35 -1.50
CA ASP D 90 1.28 35.96 -0.94
C ASP D 90 2.35 36.94 -1.43
N PHE D 91 3.27 37.34 -0.55
CA PHE D 91 4.51 38.07 -0.91
C PHE D 91 5.65 37.05 -1.05
N VAL D 92 6.24 36.95 -2.24
CA VAL D 92 7.42 36.08 -2.51
C VAL D 92 8.68 36.87 -2.15
N ASP D 93 9.25 36.64 -0.98
CA ASP D 93 10.46 37.34 -0.47
C ASP D 93 11.69 36.74 -1.13
N GLY D 94 12.11 37.32 -2.25
CA GLY D 94 13.36 36.99 -2.96
C GLY D 94 13.57 37.96 -4.11
N THR D 95 13.71 37.42 -5.32
CA THR D 95 14.00 38.17 -6.58
C THR D 95 13.09 37.65 -7.69
N ASP D 96 12.82 38.47 -8.70
CA ASP D 96 12.31 37.98 -10.03
C ASP D 96 13.52 37.56 -10.85
N THR D 97 13.32 36.82 -11.94
CA THR D 97 14.41 36.25 -12.77
C THR D 97 15.12 37.38 -13.54
N VAL D 98 14.42 38.49 -13.80
CA VAL D 98 14.96 39.70 -14.50
C VAL D 98 16.19 40.18 -13.72
N SER D 99 15.99 40.45 -12.43
CA SER D 99 17.01 40.99 -11.49
C SER D 99 18.14 39.96 -11.31
N LEU D 100 17.81 38.67 -11.36
CA LEU D 100 18.82 37.58 -11.27
C LEU D 100 19.73 37.65 -12.50
N LEU D 101 19.17 37.97 -13.67
CA LEU D 101 19.93 38.09 -14.95
C LEU D 101 20.79 39.36 -14.90
N ARG D 102 20.19 40.51 -14.57
CA ARG D 102 20.88 41.83 -14.54
C ARG D 102 22.06 41.74 -13.56
N ASP D 103 21.85 41.28 -12.33
CA ASP D 103 22.79 41.47 -11.19
C ASP D 103 23.76 40.27 -11.01
N ARG D 104 23.38 39.08 -11.46
CA ARG D 104 24.26 37.91 -11.69
C ARG D 104 23.94 37.44 -13.11
N TYR D 105 24.77 36.65 -13.78
CA TYR D 105 24.41 35.98 -15.06
C TYR D 105 23.86 36.94 -16.12
N PRO D 106 24.55 38.07 -16.44
CA PRO D 106 24.10 38.95 -17.53
C PRO D 106 24.14 38.27 -18.92
N ASN D 107 24.99 37.26 -19.07
CA ASN D 107 25.25 36.48 -20.32
C ASN D 107 24.37 35.22 -20.35
N GLY D 108 23.59 34.96 -19.31
CA GLY D 108 22.67 33.82 -19.22
C GLY D 108 22.91 32.99 -17.97
N MET D 109 21.87 32.35 -17.46
CA MET D 109 21.92 31.50 -16.24
C MET D 109 22.45 30.13 -16.59
N PRO D 110 23.00 29.37 -15.62
CA PRO D 110 23.39 27.98 -15.85
C PRO D 110 22.21 27.11 -16.31
N GLY D 111 22.45 26.22 -17.28
CA GLY D 111 21.46 25.27 -17.85
C GLY D 111 20.62 24.58 -16.78
N PRO D 112 21.24 23.87 -15.80
CA PRO D 112 20.48 23.20 -14.76
C PRO D 112 19.51 24.10 -13.98
N GLU D 113 19.87 25.35 -13.70
CA GLU D 113 19.02 26.32 -12.96
C GLU D 113 17.83 26.72 -13.84
N VAL D 114 18.02 26.81 -15.16
CA VAL D 114 16.94 27.19 -16.11
C VAL D 114 15.92 26.04 -16.20
N THR D 115 16.37 24.80 -16.23
CA THR D 115 15.45 23.67 -16.36
C THR D 115 14.66 23.59 -15.06
N GLU D 116 15.28 23.80 -13.90
CA GLU D 116 14.58 23.87 -12.59
C GLU D 116 13.42 24.88 -12.72
N ILE D 117 13.71 26.11 -13.13
CA ILE D 117 12.72 27.23 -13.15
C ILE D 117 11.63 26.92 -14.19
N ILE D 118 12.01 26.50 -15.40
CA ILE D 118 11.06 26.31 -16.52
C ILE D 118 10.15 25.12 -16.19
N THR D 119 10.67 24.01 -15.65
CA THR D 119 9.81 22.88 -15.24
C THR D 119 8.82 23.30 -14.16
N ALA D 120 9.26 24.06 -13.17
CA ALA D 120 8.36 24.54 -12.09
C ALA D 120 7.21 25.35 -12.70
N VAL D 121 7.52 26.28 -13.61
CA VAL D 121 6.53 27.18 -14.26
C VAL D 121 5.68 26.37 -15.24
N ALA D 122 6.28 25.42 -15.95
CA ALA D 122 5.59 24.53 -16.92
C ALA D 122 4.47 23.78 -16.20
N GLU D 123 4.76 23.28 -15.00
CA GLU D 123 3.81 22.53 -14.15
C GLU D 123 2.65 23.46 -13.77
N ALA D 124 2.95 24.63 -13.22
CA ALA D 124 1.95 25.63 -12.81
C ALA D 124 1.02 25.93 -14.00
N LEU D 125 1.59 26.10 -15.20
CA LEU D 125 0.82 26.48 -16.42
C LEU D 125 -0.04 25.31 -16.87
N ASP D 126 0.53 24.11 -16.95
CA ASP D 126 -0.17 22.86 -17.36
C ASP D 126 -1.34 22.62 -16.41
N TYR D 127 -1.15 22.83 -15.11
CA TYR D 127 -2.20 22.73 -14.07
C TYR D 127 -3.34 23.71 -14.44
N ALA D 128 -3.00 24.98 -14.66
CA ALA D 128 -3.98 26.05 -14.96
C ALA D 128 -4.71 25.72 -16.27
N HIS D 129 -4.00 25.17 -17.24
CA HIS D 129 -4.56 24.86 -18.59
C HIS D 129 -5.62 23.75 -18.46
N GLU D 130 -5.32 22.69 -17.69
CA GLU D 130 -6.26 21.56 -17.42
C GLU D 130 -7.58 22.10 -16.86
N ARG D 131 -7.55 23.24 -16.16
CA ARG D 131 -8.74 23.93 -15.57
C ARG D 131 -9.23 25.07 -16.49
N ARG D 132 -8.87 25.04 -17.78
CA ARG D 132 -9.35 25.99 -18.83
C ARG D 132 -9.01 27.44 -18.44
N LEU D 133 -7.83 27.68 -17.86
CA LEU D 133 -7.33 29.04 -17.48
C LEU D 133 -5.94 29.27 -18.09
N LEU D 134 -5.76 30.39 -18.79
CA LEU D 134 -4.47 30.80 -19.42
C LEU D 134 -3.84 31.92 -18.57
N HIS D 135 -2.52 31.93 -18.44
CA HIS D 135 -1.78 33.02 -17.77
C HIS D 135 -1.75 34.30 -18.59
N ARG D 136 -1.55 34.18 -19.90
CA ARG D 136 -1.62 35.29 -20.91
C ARG D 136 -0.36 36.17 -20.93
N ASP D 137 0.47 36.18 -19.88
CA ASP D 137 1.63 37.10 -19.80
C ASP D 137 2.81 36.46 -19.05
N VAL D 138 3.20 35.26 -19.47
CA VAL D 138 4.42 34.57 -18.93
C VAL D 138 5.64 35.39 -19.37
N LYS D 139 6.48 35.79 -18.41
CA LYS D 139 7.69 36.61 -18.66
C LYS D 139 8.59 36.56 -17.44
N PRO D 140 9.91 36.79 -17.61
CA PRO D 140 10.86 36.74 -16.50
C PRO D 140 10.42 37.48 -15.23
N ALA D 141 9.69 38.59 -15.37
CA ALA D 141 9.29 39.47 -14.26
C ALA D 141 8.15 38.84 -13.44
N ASN D 142 7.43 37.87 -14.01
CA ASN D 142 6.34 37.12 -13.35
C ASN D 142 6.85 35.80 -12.77
N ILE D 143 8.14 35.49 -12.94
CA ILE D 143 8.77 34.27 -12.35
C ILE D 143 9.59 34.75 -11.14
N LEU D 144 9.07 34.53 -9.95
CA LEU D 144 9.68 34.94 -8.66
C LEU D 144 10.35 33.73 -8.03
N ILE D 145 11.45 33.96 -7.31
CA ILE D 145 12.19 32.90 -6.57
C ILE D 145 12.44 33.41 -5.15
N ALA D 146 11.74 32.84 -4.16
CA ALA D 146 11.96 33.16 -2.73
C ALA D 146 13.23 32.44 -2.27
N ASN D 147 14.02 33.10 -1.42
CA ASN D 147 15.23 32.52 -0.77
C ASN D 147 16.05 31.80 -1.83
N PRO D 148 16.51 32.49 -2.89
CA PRO D 148 17.19 31.84 -4.02
C PRO D 148 18.42 31.03 -3.62
N ASP D 149 19.17 31.49 -2.60
CA ASP D 149 20.49 30.91 -2.19
C ASP D 149 20.33 30.00 -0.97
N SER D 150 19.10 29.79 -0.49
CA SER D 150 18.76 28.95 0.68
C SER D 150 18.24 27.59 0.23
N PRO D 151 18.20 26.59 1.13
CA PRO D 151 17.45 25.36 0.88
C PRO D 151 15.94 25.57 0.71
N ASP D 152 15.39 26.64 1.32
CA ASP D 152 13.95 27.00 1.28
C ASP D 152 13.58 27.62 -0.09
N ARG D 153 14.48 27.55 -1.07
CA ARG D 153 14.33 28.04 -2.46
C ARG D 153 12.98 27.59 -3.03
N ARG D 154 12.21 28.51 -3.60
CA ARG D 154 10.82 28.27 -4.05
C ARG D 154 10.52 29.13 -5.28
N ILE D 155 10.24 28.48 -6.41
CA ILE D 155 9.96 29.11 -7.73
C ILE D 155 8.45 29.32 -7.83
N MET D 156 8.00 30.55 -8.06
CA MET D 156 6.57 30.92 -8.07
C MET D 156 6.23 31.66 -9.36
N LEU D 157 5.07 31.37 -9.94
CA LEU D 157 4.49 32.09 -11.10
C LEU D 157 3.42 33.04 -10.57
N ALA D 158 3.53 34.34 -10.86
CA ALA D 158 2.62 35.39 -10.36
C ALA D 158 1.84 36.00 -11.51
N ASP D 159 0.79 36.76 -11.17
CA ASP D 159 0.05 37.69 -12.07
C ASP D 159 -0.80 36.88 -13.06
N PHE D 160 -1.39 35.77 -12.63
CA PHE D 160 -2.48 35.06 -13.36
C PHE D 160 -3.69 36.00 -13.48
N THR D 181 4.75 45.14 -22.75
CA THR D 181 5.91 44.39 -23.27
C THR D 181 5.46 43.16 -24.10
N VAL D 182 6.03 43.04 -25.29
CA VAL D 182 5.61 42.13 -26.39
C VAL D 182 6.76 41.16 -26.69
N SER D 183 7.81 41.17 -25.87
CA SER D 183 9.03 40.37 -26.09
C SER D 183 8.73 38.86 -26.10
N TYR D 184 7.70 38.40 -25.36
CA TYR D 184 7.42 36.96 -25.12
C TYR D 184 6.05 36.56 -25.69
N ALA D 185 5.21 37.50 -26.15
CA ALA D 185 3.83 37.24 -26.63
C ALA D 185 3.84 36.39 -27.90
N ALA D 186 2.97 35.38 -27.95
CA ALA D 186 2.81 34.44 -29.09
C ALA D 186 2.08 35.17 -30.21
N PRO D 187 2.38 34.83 -31.48
CA PRO D 187 1.79 35.53 -32.63
C PRO D 187 0.25 35.50 -32.61
N GLU D 188 -0.35 34.35 -32.32
CA GLU D 188 -1.83 34.18 -32.30
C GLU D 188 -2.43 35.12 -31.25
N GLN D 189 -1.72 35.37 -30.15
CA GLN D 189 -2.18 36.26 -29.06
C GLN D 189 -2.07 37.72 -29.52
N LEU D 190 -0.97 38.07 -30.18
CA LEU D 190 -0.77 39.42 -30.78
C LEU D 190 -1.90 39.68 -31.79
N MET D 191 -2.26 38.68 -32.60
CA MET D 191 -3.32 38.80 -33.65
C MET D 191 -4.73 38.85 -33.03
N GLY D 192 -4.87 38.54 -31.75
CA GLY D 192 -6.18 38.52 -31.07
C GLY D 192 -7.05 37.35 -31.51
N ASN D 193 -6.42 36.21 -31.86
CA ASN D 193 -7.12 34.96 -32.26
C ASN D 193 -7.51 34.17 -31.00
N GLU D 194 -8.31 33.11 -31.17
CA GLU D 194 -8.75 32.19 -30.06
C GLU D 194 -7.48 31.49 -29.53
N LEU D 195 -7.29 31.51 -28.21
CA LEU D 195 -6.04 31.05 -27.54
C LEU D 195 -6.23 29.66 -26.94
N ASP D 196 -5.12 28.98 -26.70
CA ASP D 196 -5.07 27.73 -25.90
C ASP D 196 -3.75 27.77 -25.10
N GLY D 197 -3.45 26.70 -24.38
CA GLY D 197 -2.26 26.59 -23.51
C GLY D 197 -0.98 26.84 -24.27
N ARG D 198 -0.95 26.52 -25.57
CA ARG D 198 0.29 26.59 -26.39
C ARG D 198 0.73 28.06 -26.55
N ALA D 199 -0.14 29.03 -26.31
CA ALA D 199 0.22 30.47 -26.28
C ALA D 199 1.18 30.74 -25.12
N ASP D 200 0.82 30.29 -23.91
CA ASP D 200 1.69 30.40 -22.70
C ASP D 200 2.99 29.60 -22.92
N GLN D 201 2.94 28.50 -23.67
CA GLN D 201 4.14 27.67 -23.96
C GLN D 201 5.17 28.53 -24.70
N TYR D 202 4.72 29.20 -25.78
CA TYR D 202 5.53 30.15 -26.58
C TYR D 202 6.21 31.14 -25.64
N ALA D 203 5.41 31.79 -24.79
CA ALA D 203 5.89 32.81 -23.82
C ALA D 203 6.97 32.18 -22.93
N LEU D 204 6.70 30.98 -22.41
CA LEU D 204 7.65 30.25 -21.50
C LEU D 204 8.94 29.93 -22.26
N ALA D 205 8.84 29.55 -23.52
CA ALA D 205 10.02 29.24 -24.38
C ALA D 205 10.83 30.52 -24.62
N ALA D 206 10.14 31.61 -24.96
CA ALA D 206 10.75 32.95 -25.13
C ALA D 206 11.43 33.35 -23.84
N THR D 207 10.76 33.12 -22.70
CA THR D 207 11.31 33.37 -21.35
C THR D 207 12.59 32.55 -21.17
N ALA D 208 12.55 31.25 -21.50
CA ALA D 208 13.70 30.33 -21.32
C ALA D 208 14.89 30.80 -22.16
N PHE D 209 14.61 31.19 -23.42
CA PHE D 209 15.62 31.74 -24.36
C PHE D 209 16.36 32.89 -23.66
N HIS D 210 15.59 33.85 -23.13
CA HIS D 210 16.13 35.03 -22.39
C HIS D 210 17.00 34.53 -21.22
N LEU D 211 16.49 33.63 -20.39
CA LEU D 211 17.20 33.13 -19.18
C LEU D 211 18.53 32.48 -19.58
N LEU D 212 18.59 31.76 -20.70
CA LEU D 212 19.79 31.00 -21.13
C LEU D 212 20.86 31.92 -21.75
N THR D 213 20.46 32.92 -22.56
CA THR D 213 21.38 33.72 -23.43
C THR D 213 21.70 35.10 -22.83
N GLY D 214 20.75 35.74 -22.14
CA GLY D 214 20.92 37.13 -21.64
C GLY D 214 19.91 38.06 -22.28
N SER D 215 19.31 37.65 -23.40
CA SER D 215 18.40 38.48 -24.22
C SER D 215 17.29 37.62 -24.83
N PRO D 216 16.11 38.21 -25.12
CA PRO D 216 15.02 37.47 -25.75
C PRO D 216 15.32 37.12 -27.20
N PRO D 217 14.53 36.20 -27.82
CA PRO D 217 14.81 35.76 -29.19
C PRO D 217 14.77 36.92 -30.20
N PHE D 218 13.88 37.89 -30.00
CA PHE D 218 13.71 39.10 -30.85
C PHE D 218 13.92 40.36 -30.00
N GLN D 219 15.02 41.07 -30.22
CA GLN D 219 15.35 42.30 -29.45
C GLN D 219 15.36 43.50 -30.39
N HIS D 220 14.66 44.57 -30.02
CA HIS D 220 14.60 45.86 -30.75
C HIS D 220 13.95 46.91 -29.83
N ALA D 221 14.40 48.16 -29.92
CA ALA D 221 13.87 49.29 -29.14
C ALA D 221 12.39 49.51 -29.50
N ASN D 222 12.04 49.31 -30.77
CA ASN D 222 10.67 49.52 -31.32
C ASN D 222 9.82 48.26 -31.09
N PRO D 223 8.82 48.32 -30.19
CA PRO D 223 7.91 47.20 -29.95
C PRO D 223 7.28 46.65 -31.24
N ALA D 224 6.94 47.56 -32.18
CA ALA D 224 6.28 47.21 -33.46
C ALA D 224 7.17 46.23 -34.23
N VAL D 225 8.49 46.39 -34.12
CA VAL D 225 9.47 45.52 -34.83
C VAL D 225 9.44 44.14 -34.18
N VAL D 226 9.56 44.08 -32.85
CA VAL D 226 9.44 42.82 -32.05
C VAL D 226 8.16 42.10 -32.46
N ILE D 227 7.02 42.81 -32.47
CA ILE D 227 5.70 42.23 -32.84
C ILE D 227 5.80 41.62 -34.24
N SER D 228 6.40 42.33 -35.19
CA SER D 228 6.48 41.89 -36.61
C SER D 228 7.30 40.59 -36.71
N GLN D 229 8.32 40.45 -35.86
CA GLN D 229 9.24 39.29 -35.88
C GLN D 229 8.50 38.07 -35.30
N HIS D 230 7.75 38.28 -34.21
CA HIS D 230 6.83 37.27 -33.64
C HIS D 230 5.92 36.72 -34.73
N LEU D 231 5.36 37.61 -35.57
CA LEU D 231 4.35 37.24 -36.61
C LEU D 231 5.01 36.58 -37.82
N SER D 232 6.17 37.09 -38.29
CA SER D 232 6.70 36.82 -39.65
C SER D 232 8.12 36.24 -39.63
N ALA D 233 8.97 36.61 -38.68
CA ALA D 233 10.41 36.23 -38.65
C ALA D 233 10.57 34.78 -38.18
N SER D 234 11.38 34.00 -38.89
CA SER D 234 11.82 32.64 -38.43
C SER D 234 12.37 32.76 -37.01
N PRO D 235 12.03 31.86 -36.06
CA PRO D 235 12.62 31.89 -34.73
C PRO D 235 14.13 31.67 -34.82
N PRO D 236 14.97 32.45 -34.11
CA PRO D 236 16.41 32.35 -34.24
C PRO D 236 16.94 31.07 -33.59
N ALA D 237 18.07 30.55 -34.07
CA ALA D 237 18.81 29.42 -33.46
C ALA D 237 19.53 29.95 -32.21
N ILE D 238 19.24 29.35 -31.05
CA ILE D 238 19.85 29.72 -29.75
C ILE D 238 21.36 29.48 -29.83
N GLY D 239 21.78 28.50 -30.66
CA GLY D 239 23.20 28.19 -30.91
C GLY D 239 23.95 29.35 -31.55
N ASP D 240 23.26 30.18 -32.34
CA ASP D 240 23.84 31.36 -33.04
C ASP D 240 24.17 32.47 -32.03
N ARG D 241 23.67 32.40 -30.79
CA ARG D 241 24.01 33.38 -29.71
C ARG D 241 24.99 32.77 -28.71
N VAL D 242 24.77 31.51 -28.34
CA VAL D 242 25.61 30.75 -27.36
C VAL D 242 25.93 29.39 -27.98
N PRO D 243 27.12 29.24 -28.61
CA PRO D 243 27.51 28.00 -29.28
C PRO D 243 27.23 26.70 -28.49
N GLU D 244 27.53 26.71 -27.19
CA GLU D 244 27.36 25.54 -26.28
C GLU D 244 25.91 25.04 -26.32
N LEU D 245 24.94 25.91 -26.66
CA LEU D 245 23.49 25.62 -26.57
C LEU D 245 22.92 25.15 -27.91
N THR D 246 23.75 24.84 -28.91
CA THR D 246 23.30 24.45 -30.28
C THR D 246 22.33 23.28 -30.21
N PRO D 247 22.56 22.24 -29.36
CA PRO D 247 21.64 21.10 -29.27
C PRO D 247 20.16 21.47 -29.04
N LEU D 248 19.89 22.59 -28.36
CA LEU D 248 18.52 23.06 -28.05
C LEU D 248 17.85 23.70 -29.27
N ASP D 249 18.56 23.85 -30.40
CA ASP D 249 18.06 24.57 -31.59
C ASP D 249 16.67 24.06 -31.98
N PRO D 250 16.48 22.73 -32.17
CA PRO D 250 15.20 22.21 -32.64
C PRO D 250 14.08 22.36 -31.59
N VAL D 251 14.47 22.38 -30.30
CA VAL D 251 13.56 22.56 -29.14
C VAL D 251 12.92 23.94 -29.22
N PHE D 252 13.71 25.00 -29.37
CA PHE D 252 13.20 26.40 -29.47
C PHE D 252 12.53 26.60 -30.83
N ALA D 253 13.06 25.99 -31.90
CA ALA D 253 12.43 25.99 -33.24
C ALA D 253 10.97 25.52 -33.12
N LYS D 254 10.76 24.47 -32.31
CA LYS D 254 9.45 23.80 -32.12
C LYS D 254 8.53 24.65 -31.22
N ALA D 255 9.00 25.00 -30.02
CA ALA D 255 8.20 25.70 -29.00
C ALA D 255 7.87 27.13 -29.48
N LEU D 256 8.76 27.75 -30.28
CA LEU D 256 8.58 29.14 -30.79
C LEU D 256 7.98 29.11 -32.20
N ALA D 257 7.46 27.96 -32.63
CA ALA D 257 6.76 27.80 -33.94
C ALA D 257 5.67 28.88 -34.06
N LYS D 258 5.38 29.33 -35.29
CA LYS D 258 4.35 30.34 -35.59
C LYS D 258 2.97 29.73 -35.38
N GLN D 259 2.71 28.55 -35.96
CA GLN D 259 1.44 27.79 -35.81
C GLN D 259 1.45 27.00 -34.50
N PRO D 260 0.52 27.27 -33.56
CA PRO D 260 0.41 26.48 -32.32
C PRO D 260 0.45 24.95 -32.51
N LYS D 261 -0.17 24.44 -33.58
CA LYS D 261 -0.26 22.98 -33.89
C LYS D 261 1.16 22.37 -33.98
N ASP D 262 2.20 23.17 -34.25
CA ASP D 262 3.57 22.65 -34.51
C ASP D 262 4.42 22.71 -33.22
N ARG D 263 3.86 23.20 -32.12
CA ARG D 263 4.58 23.29 -30.82
C ARG D 263 4.42 21.97 -30.06
N TYR D 264 4.92 21.90 -28.83
CA TYR D 264 4.71 20.75 -27.90
C TYR D 264 3.24 20.73 -27.45
N GLN D 265 2.77 19.58 -26.98
CA GLN D 265 1.35 19.44 -26.54
C GLN D 265 1.17 20.12 -25.17
N ARG D 266 2.14 19.96 -24.27
CA ARG D 266 2.13 20.54 -22.89
C ARG D 266 3.44 21.30 -22.65
N CYS D 267 3.42 22.24 -21.71
CA CYS D 267 4.60 23.05 -21.30
C CYS D 267 5.69 22.16 -20.70
N VAL D 268 5.33 21.12 -19.95
CA VAL D 268 6.33 20.19 -19.32
C VAL D 268 7.04 19.38 -20.40
N ASP D 269 6.39 19.14 -21.54
CA ASP D 269 7.05 18.44 -22.68
C ASP D 269 8.24 19.30 -23.12
N PHE D 270 8.00 20.62 -23.28
CA PHE D 270 9.05 21.62 -23.63
C PHE D 270 10.12 21.62 -22.54
N ALA D 271 9.70 21.75 -21.27
CA ALA D 271 10.61 21.77 -20.09
C ALA D 271 11.48 20.51 -20.07
N ARG D 272 10.92 19.35 -20.43
CA ARG D 272 11.66 18.06 -20.45
C ARG D 272 12.67 18.06 -21.59
N ALA D 273 12.28 18.55 -22.76
CA ALA D 273 13.15 18.64 -23.97
C ALA D 273 14.36 19.54 -23.66
N LEU D 274 14.14 20.63 -22.91
CA LEU D 274 15.22 21.49 -22.36
C LEU D 274 16.15 20.64 -21.49
N GLY D 275 15.61 20.03 -20.43
CA GLY D 275 16.37 19.19 -19.48
C GLY D 275 17.26 18.19 -20.18
N HIS D 276 16.71 17.46 -21.15
CA HIS D 276 17.39 16.38 -21.93
C HIS D 276 18.74 16.88 -22.48
N ARG D 277 18.81 18.14 -22.92
CA ARG D 277 19.99 18.70 -23.63
C ARG D 277 20.78 19.61 -22.68
C4 V17 E . -17.70 -34.48 16.64
C14 V17 E . -14.81 -31.81 10.77
C5 V17 E . -17.73 -35.79 15.86
C6 V17 E . -16.56 -35.87 14.89
C11 V17 E . -14.83 -31.83 13.54
C7 V17 E . -17.51 -33.71 14.26
C8 V17 E . -17.80 -33.29 15.70
C9 V17 E . -15.17 -34.32 13.58
C10 V17 E . -15.02 -33.02 12.85
C12 V17 E . -14.62 -30.64 12.86
C13 V17 E . -14.60 -30.62 11.46
N1 V17 E . -16.34 -34.59 14.19
N2 V17 E . -14.34 -29.45 10.73
C3 V17 E . -18.43 -35.35 18.91
N3 V17 E . -13.93 -27.31 10.06
O V17 E . -14.24 -35.10 13.59
N V17 E . -18.68 -34.50 17.75
C2 V17 E . -19.42 -33.35 18.30
C1 V17 E . -18.74 -33.07 19.63
C V17 E . -18.07 -34.38 20.03
C15 V17 E . -15.02 -33.00 11.46
C16 V17 E . -14.18 -28.14 11.09
N4 V17 E . -14.26 -27.80 12.39
C19 V17 E . -14.07 -26.50 12.67
C18 V17 E . -13.81 -25.56 11.69
C17 V17 E . -13.75 -26.03 10.40
C20 V17 E . -14.09 -26.15 14.09
S V17 E . -14.06 -27.42 15.27
C27 V17 E . -14.14 -26.27 16.58
C22 V17 E . -14.20 -24.95 16.11
C21 V17 E . -14.16 -24.93 14.67
C26 V17 E . -14.19 -26.55 17.94
C25 V17 E . -14.29 -25.51 18.85
C24 V17 E . -14.35 -24.19 18.41
C23 V17 E . -14.31 -23.92 17.04
C4 V17 F . -0.06 -5.82 -12.67
C14 V17 F . -0.75 -9.43 -6.91
C5 V17 F . 1.46 -5.89 -12.54
C6 V17 F . 1.86 -5.95 -11.08
C11 V17 F . -0.91 -9.30 -9.66
C7 V17 F . -0.40 -6.07 -10.19
C8 V17 F . -0.71 -5.22 -11.43
C9 V17 F . 1.21 -7.95 -9.79
C10 V17 F . 0.17 -8.68 -9.02
C12 V17 F . -1.88 -9.96 -8.96
C13 V17 F . -1.81 -10.04 -7.56
N1 V17 F . 0.90 -6.74 -10.31
N2 V17 F . -2.75 -10.78 -6.81
C3 V17 F . -1.93 -5.13 -14.30
N3 V17 F . -4.50 -12.04 -6.08
O V17 F . 2.33 -8.44 -9.93
N V17 F . -0.50 -5.19 -13.94
C2 V17 F . 0.04 -3.93 -14.50
C1 V17 F . -1.03 -2.90 -14.20
C V17 F . -2.33 -3.68 -14.07
C15 V17 F . 0.23 -8.76 -7.62
C16 V17 F . -3.90 -11.43 -7.12
N4 V17 F . -4.32 -11.46 -8.39
C19 V17 F . -5.44 -12.16 -8.65
C18 V17 F . -6.12 -12.84 -7.65
C17 V17 F . -5.60 -12.75 -6.37
C20 V17 F . -5.91 -12.15 -10.02
S V17 F . -5.13 -11.08 -11.15
C27 V17 F . -6.20 -11.57 -12.43
C22 V17 F . -7.14 -12.53 -11.99
C21 V17 F . -6.92 -12.84 -10.60
C26 V17 F . -6.21 -11.12 -13.74
C25 V17 F . -7.16 -11.60 -14.63
C24 V17 F . -8.09 -12.54 -14.21
C23 V17 F . -8.07 -13.01 -12.91
C4 V17 G . -12.77 12.77 9.00
C14 V17 G . -11.01 16.80 4.25
C5 V17 G . -13.19 11.52 8.23
C6 V17 G . -13.13 11.78 6.73
C11 V17 G . -10.25 15.44 6.53
C7 V17 G . -13.50 14.15 7.05
C8 V17 G . -13.57 13.98 8.56
C9 V17 G . -11.47 13.37 5.80
C10 V17 G . -11.05 14.79 5.59
C12 V17 G . -9.83 16.74 6.34
C13 V17 G . -10.20 17.43 5.19
N1 V17 G . -12.62 13.13 6.45
N2 V17 G . -9.72 18.73 4.89
C3 V17 G . -11.79 13.32 11.30
N3 V17 G . -8.89 20.86 4.89
O V17 G . -10.76 12.48 5.39
N V17 G . -12.76 12.57 10.46
C2 V17 G . -13.98 12.44 11.26
C1 V17 G . -14.07 13.75 11.99
C V17 G . -12.64 14.10 12.29
C15 V17 G . -11.42 15.50 4.45
C16 V17 G . -9.33 19.82 5.63
N4 V17 G . -9.36 19.77 6.97
C19 V17 G . -8.88 20.84 7.62
C18 V17 G . -8.40 21.95 6.95
C17 V17 G . -8.43 21.91 5.58
C20 V17 G . -8.89 20.76 9.08
S V17 G . -10.08 19.78 9.88
C27 V17 G . -9.43 20.18 11.44
C22 V17 G . -8.32 21.05 11.34
C21 V17 G . -8.05 21.35 9.96
C26 V17 G . -9.88 19.73 12.68
C25 V17 G . -9.24 20.15 13.83
C24 V17 G . -8.15 21.01 13.76
C23 V17 G . -7.69 21.45 12.52
C4 V17 H . 11.63 45.92 -8.80
C14 V17 H . 9.71 40.43 -4.91
C5 V17 H . 13.01 45.69 -8.18
C6 V17 H . 13.29 44.21 -7.98
C11 V17 H . 9.68 41.50 -7.47
C7 V17 H . 11.14 44.43 -6.84
C8 V17 H . 10.53 45.25 -7.96
C9 V17 H . 12.09 42.15 -7.29
C10 V17 H . 10.86 41.52 -6.73
C12 V17 H . 8.52 40.95 -6.93
C13 V17 H . 8.53 40.41 -5.65
N1 V17 H . 12.16 43.50 -7.37
N2 V17 H . 7.42 39.75 -5.09
C3 V17 H . 10.77 44.61 -10.89
N3 V17 H . 5.43 38.88 -4.52
O V17 H . 13.00 41.45 -7.70
N V17 H . 11.60 45.66 -10.25
C2 V17 H . 11.68 46.75 -11.24
C1 V17 H . 10.44 46.59 -12.08
C V17 H . 10.37 45.15 -12.25
C15 V17 H . 10.87 40.99 -5.45
C16 V17 H . 6.09 39.68 -5.38
N4 V17 H . 5.56 40.33 -6.43
C19 V17 H . 4.24 40.17 -6.64
C18 V17 H . 3.47 39.37 -5.81
C17 V17 H . 4.11 38.74 -4.76
C20 V17 H . 3.67 40.83 -7.80
S V17 H . 4.59 42.06 -8.63
C27 V17 H . 3.31 42.30 -9.78
C22 V17 H . 2.21 41.45 -9.53
C21 V17 H . 2.46 40.63 -8.39
C26 V17 H . 3.30 43.20 -10.85
C25 V17 H . 2.17 43.26 -11.67
C24 V17 H . 1.08 42.45 -11.42
C23 V17 H . 1.10 41.54 -10.38
#